data_8BJ3
#
_entry.id   8BJ3
#
_cell.length_a   56.610
_cell.length_b   108.752
_cell.length_c   65.973
_cell.angle_alpha   90.000
_cell.angle_beta   106.530
_cell.angle_gamma   90.000
#
_symmetry.space_group_name_H-M   'P 1 21 1'
#
loop_
_entity.id
_entity.type
_entity.pdbx_description
1 polymer 'histidinol-phosphate aminotransferase'
2 non-polymer '[(2~{S})-3-(1~{H}-imidazol-4-yl)-2-[[2-methyl-3-oxidanyl-5-(phosphonooxymethyl)pyridin-4-yl]methylamino]propyl] dihydrogen phosphate'
3 non-polymer 1,2-ETHANEDIOL
4 non-polymer 'SODIUM ION'
5 water water
#
_entity_poly.entity_id   1
_entity_poly.type   'polypeptide(L)'
_entity_poly.pdbx_seq_one_letter_code
;DSFIRQHLRKLAPYQPILPFEVLSSRLGRKPEDIVKLDANENPYGPPPEVMEALGSIRFPYVYPDPESRRLRAALAQDSG
LESEYILVGCGADELIDLIMRCVLDPGDKIVDCPPTFTMYEFDAAVNGALVIKVPRRPDFSLNVEQIIEVVKQEKPKCIF
LTSPNNPDGSIIDDDDLLKILELPILVVLDEAYIEFSTIESKMSWVKKHDNLIVLRTFSKRAGLAGLRVGYGAFPLSIIK
YLWRAKQPYNVSVAAEISACAALQNPTYLENVKDALVKERGRLFDLLKAVPFLKPFPSHSNFILCEVTSGVDPKKLKEDL
AEMGVMIRHYSNKELKGYVRVSVGKPEHTDVLMNCISRLS
;
_entity_poly.pdbx_strand_id   A,B
#
# COMPACT_ATOMS: atom_id res chain seq x y z
N ASP A 1 -10.16 21.38 18.17
CA ASP A 1 -9.46 22.22 17.21
C ASP A 1 -8.99 21.43 16.01
N SER A 2 -8.60 20.18 16.24
CA SER A 2 -8.21 19.29 15.16
C SER A 2 -8.26 17.86 15.67
N PHE A 3 -8.72 16.94 14.81
CA PHE A 3 -8.67 15.53 15.14
C PHE A 3 -7.28 14.92 14.95
N ILE A 4 -6.37 15.66 14.29
CA ILE A 4 -5.07 15.10 13.93
C ILE A 4 -4.18 15.00 15.17
N ARG A 5 -3.46 13.87 15.27
CA ARG A 5 -2.55 13.65 16.39
C ARG A 5 -1.53 14.78 16.49
N GLN A 6 -1.21 15.17 17.74
CA GLN A 6 -0.39 16.34 17.96
C GLN A 6 0.96 16.25 17.24
N HIS A 7 1.59 15.07 17.26
CA HIS A 7 2.93 14.99 16.68
C HIS A 7 2.92 15.16 15.17
N LEU A 8 1.78 14.95 14.52
CA LEU A 8 1.72 15.11 13.07
C LEU A 8 1.48 16.55 12.66
N ARG A 9 1.03 17.42 13.57
CA ARG A 9 0.79 18.79 13.20
C ARG A 9 2.07 19.55 12.88
N LYS A 10 3.23 19.01 13.28
CA LYS A 10 4.53 19.60 13.02
C LYS A 10 5.38 18.76 12.06
N LEU A 11 4.75 17.82 11.35
CA LEU A 11 5.51 16.87 10.54
C LEU A 11 6.08 17.53 9.29
N ALA A 12 7.37 17.29 9.04
CA ALA A 12 8.00 17.72 7.79
C ALA A 12 7.68 16.70 6.69
N PRO A 13 7.05 17.11 5.60
CA PRO A 13 6.68 16.12 4.57
C PRO A 13 7.89 15.58 3.82
N TYR A 14 7.72 14.38 3.29
CA TYR A 14 8.67 13.83 2.33
C TYR A 14 8.63 14.67 1.05
N GLN A 15 9.74 14.64 0.31
CA GLN A 15 9.88 15.40 -0.93
C GLN A 15 9.96 14.44 -2.11
N PRO A 16 8.83 13.96 -2.61
CA PRO A 16 8.85 13.00 -3.73
C PRO A 16 9.18 13.70 -5.04
N ILE A 17 9.35 12.88 -6.08
CA ILE A 17 9.60 13.37 -7.43
C ILE A 17 8.37 13.06 -8.30
N LEU A 18 8.35 13.64 -9.51
CA LEU A 18 7.19 13.55 -10.38
C LEU A 18 7.47 12.65 -11.58
N PRO A 19 6.45 11.96 -12.09
CA PRO A 19 6.64 11.02 -13.21
C PRO A 19 6.60 11.74 -14.55
N PHE A 20 6.85 10.96 -15.62
CA PHE A 20 7.00 11.56 -16.94
C PHE A 20 5.76 12.33 -17.38
N GLU A 21 4.57 11.79 -17.12
CA GLU A 21 3.36 12.44 -17.61
C GLU A 21 3.16 13.79 -16.95
N VAL A 22 3.50 13.90 -15.67
CA VAL A 22 3.40 15.20 -14.99
C VAL A 22 4.52 16.12 -15.45
N LEU A 23 5.72 15.57 -15.61
CA LEU A 23 6.83 16.37 -16.12
C LEU A 23 6.48 16.98 -17.46
N SER A 24 5.94 16.18 -18.37
CA SER A 24 5.63 16.66 -19.71
C SER A 24 4.74 17.90 -19.65
N SER A 25 3.68 17.84 -18.83
CA SER A 25 2.78 18.98 -18.69
C SER A 25 3.50 20.17 -18.05
N ARG A 26 4.26 19.91 -17.00
CA ARG A 26 4.94 21.00 -16.27
CA ARG A 26 4.92 21.02 -16.29
C ARG A 26 6.00 21.67 -17.14
N LEU A 27 6.80 20.88 -17.84
CA LEU A 27 7.93 21.40 -18.60
C LEU A 27 7.57 21.77 -20.04
N GLY A 28 6.44 21.30 -20.55
CA GLY A 28 6.11 21.55 -21.94
C GLY A 28 6.96 20.77 -22.92
N ARG A 29 7.34 19.54 -22.55
CA ARG A 29 8.13 18.68 -23.41
C ARG A 29 7.49 17.30 -23.45
N LYS A 30 7.63 16.62 -24.59
CA LYS A 30 7.24 15.23 -24.66
C LYS A 30 8.11 14.40 -23.71
N PRO A 31 7.59 13.31 -23.17
CA PRO A 31 8.43 12.47 -22.29
C PRO A 31 9.71 11.99 -22.96
N GLU A 32 9.67 11.69 -24.26
CA GLU A 32 10.87 11.22 -24.93
C GLU A 32 11.95 12.30 -24.98
N ASP A 33 11.58 13.56 -24.74
CA ASP A 33 12.53 14.68 -24.71
C ASP A 33 12.89 15.09 -23.29
N ILE A 34 12.54 14.27 -22.29
CA ILE A 34 12.85 14.52 -20.89
C ILE A 34 13.79 13.41 -20.41
N VAL A 35 14.92 13.80 -19.84
CA VAL A 35 15.90 12.86 -19.31
C VAL A 35 15.75 12.87 -17.79
N LYS A 36 15.35 11.73 -17.24
CA LYS A 36 14.89 11.63 -15.85
C LYS A 36 15.89 10.77 -15.08
N LEU A 37 16.73 11.42 -14.28
CA LEU A 37 17.82 10.77 -13.56
C LEU A 37 17.76 11.12 -12.09
N ASP A 38 16.54 11.19 -11.53
CA ASP A 38 16.37 11.69 -10.17
C ASP A 38 15.78 10.69 -9.19
N ALA A 39 15.50 9.45 -9.60
CA ALA A 39 14.86 8.49 -8.69
C ALA A 39 15.43 7.09 -8.79
N ASN A 40 16.59 6.92 -9.42
CA ASN A 40 17.29 5.64 -9.49
C ASN A 40 16.47 4.59 -10.22
N GLU A 41 15.67 5.05 -11.18
CA GLU A 41 14.86 4.17 -12.01
C GLU A 41 15.72 3.55 -13.10
N ASN A 42 15.32 2.36 -13.53
CA ASN A 42 16.04 1.63 -14.57
C ASN A 42 15.47 2.03 -15.92
N PRO A 43 16.18 2.82 -16.73
CA PRO A 43 15.60 3.29 -18.01
C PRO A 43 15.36 2.18 -19.02
N TYR A 44 15.96 1.01 -18.83
CA TYR A 44 15.74 -0.11 -19.75
C TYR A 44 14.41 -0.81 -19.50
N GLY A 45 13.77 -0.56 -18.36
CA GLY A 45 12.53 -1.21 -18.03
C GLY A 45 12.73 -2.66 -17.66
N PRO A 46 11.62 -3.32 -17.34
CA PRO A 46 11.68 -4.72 -16.87
C PRO A 46 11.83 -5.69 -18.02
N PRO A 47 12.07 -6.97 -17.73
CA PRO A 47 12.14 -7.95 -18.80
C PRO A 47 10.83 -7.99 -19.58
N PRO A 48 10.89 -8.38 -20.86
CA PRO A 48 9.67 -8.34 -21.67
C PRO A 48 8.55 -9.23 -21.17
N GLU A 49 8.86 -10.25 -20.36
CA GLU A 49 7.82 -11.09 -19.79
C GLU A 49 6.83 -10.29 -18.95
N VAL A 50 7.27 -9.15 -18.41
CA VAL A 50 6.41 -8.40 -17.50
C VAL A 50 5.22 -7.80 -18.24
N MET A 51 5.45 -7.06 -19.33
CA MET A 51 4.30 -6.46 -19.99
C MET A 51 3.41 -7.51 -20.63
N GLU A 52 3.99 -8.65 -21.02
N GLU A 52 3.99 -8.65 -21.03
CA GLU A 52 3.20 -9.77 -21.51
CA GLU A 52 3.16 -9.76 -21.50
C GLU A 52 2.27 -10.31 -20.42
C GLU A 52 2.24 -10.25 -20.41
N ALA A 53 2.78 -10.43 -19.20
CA ALA A 53 1.94 -10.92 -18.10
C ALA A 53 0.91 -9.87 -17.69
N LEU A 54 1.30 -8.59 -17.64
CA LEU A 54 0.36 -7.55 -17.22
C LEU A 54 -0.81 -7.42 -18.18
N GLY A 55 -0.58 -7.64 -19.47
CA GLY A 55 -1.68 -7.56 -20.41
C GLY A 55 -2.60 -8.74 -20.42
N SER A 56 -2.25 -9.81 -19.71
CA SER A 56 -3.05 -11.02 -19.69
C SER A 56 -3.46 -11.40 -18.27
N ILE A 57 -3.53 -10.42 -17.37
CA ILE A 57 -4.01 -10.70 -16.01
C ILE A 57 -5.41 -11.28 -16.09
N ARG A 58 -5.59 -12.45 -15.49
CA ARG A 58 -6.85 -13.17 -15.64
C ARG A 58 -7.92 -12.67 -14.67
N PHE A 59 -7.52 -12.29 -13.45
CA PHE A 59 -8.48 -12.00 -12.39
C PHE A 59 -8.21 -10.64 -11.76
N PRO A 60 -8.28 -9.56 -12.54
CA PRO A 60 -8.08 -8.23 -11.94
C PRO A 60 -9.16 -7.87 -10.94
N TYR A 61 -10.32 -8.54 -10.98
CA TYR A 61 -11.46 -8.24 -10.14
C TYR A 61 -11.49 -9.07 -8.86
N VAL A 62 -10.45 -9.86 -8.61
CA VAL A 62 -10.38 -10.74 -7.45
C VAL A 62 -9.25 -10.24 -6.54
N TYR A 63 -9.50 -10.28 -5.24
CA TYR A 63 -8.48 -9.84 -4.30
C TYR A 63 -7.20 -10.66 -4.49
N PRO A 64 -6.04 -10.06 -4.25
CA PRO A 64 -4.79 -10.81 -4.40
C PRO A 64 -4.60 -11.79 -3.25
N ASP A 65 -3.63 -12.67 -3.41
CA ASP A 65 -3.22 -13.59 -2.35
C ASP A 65 -2.69 -12.79 -1.16
N PRO A 66 -3.33 -12.85 0.00
CA PRO A 66 -2.81 -12.10 1.16
C PRO A 66 -1.43 -12.57 1.59
N GLU A 67 -1.03 -13.78 1.21
CA GLU A 67 0.27 -14.32 1.57
C GLU A 67 1.29 -14.25 0.43
N SER A 68 0.92 -13.73 -0.74
CA SER A 68 1.83 -13.59 -1.87
C SER A 68 2.72 -14.83 -2.02
N ARG A 69 2.08 -16.00 -1.95
CA ARG A 69 2.88 -17.22 -1.76
C ARG A 69 3.58 -17.68 -3.04
N ARG A 70 3.02 -17.39 -4.21
CA ARG A 70 3.71 -17.74 -5.45
C ARG A 70 5.00 -16.94 -5.61
N LEU A 71 4.95 -15.63 -5.38
CA LEU A 71 6.18 -14.84 -5.43
C LEU A 71 7.16 -15.26 -4.34
N ARG A 72 6.65 -15.55 -3.14
CA ARG A 72 7.58 -15.93 -2.07
C ARG A 72 8.26 -17.27 -2.39
N ALA A 73 7.56 -18.19 -3.04
CA ALA A 73 8.22 -19.41 -3.52
C ALA A 73 9.32 -19.08 -4.53
N ALA A 74 9.05 -18.16 -5.45
CA ALA A 74 10.07 -17.79 -6.42
C ALA A 74 11.24 -17.08 -5.75
N LEU A 75 10.96 -16.28 -4.72
CA LEU A 75 12.03 -15.60 -4.01
C LEU A 75 12.86 -16.56 -3.18
N ALA A 76 12.23 -17.59 -2.63
CA ALA A 76 12.99 -18.65 -1.95
C ALA A 76 13.97 -19.31 -2.92
N GLN A 77 13.52 -19.61 -4.14
CA GLN A 77 14.43 -20.16 -5.15
C GLN A 77 15.53 -19.17 -5.50
N ASP A 78 15.18 -17.89 -5.68
CA ASP A 78 16.16 -16.90 -6.10
C ASP A 78 17.21 -16.65 -5.02
N SER A 79 16.81 -16.65 -3.75
CA SER A 79 17.65 -16.22 -2.64
C SER A 79 18.31 -17.37 -1.90
N GLY A 80 17.81 -18.59 -2.06
CA GLY A 80 18.29 -19.70 -1.26
C GLY A 80 17.79 -19.70 0.17
N LEU A 81 16.88 -18.80 0.50
CA LEU A 81 16.29 -18.70 1.84
C LEU A 81 14.86 -19.23 1.80
N GLU A 82 14.49 -20.03 2.80
CA GLU A 82 13.16 -20.63 2.83
C GLU A 82 12.07 -19.55 2.85
N SER A 83 10.94 -19.87 2.21
CA SER A 83 9.86 -18.91 2.07
C SER A 83 9.27 -18.45 3.40
N GLU A 84 9.37 -19.26 4.46
CA GLU A 84 8.79 -18.82 5.73
C GLU A 84 9.52 -17.60 6.31
N TYR A 85 10.70 -17.25 5.80
CA TYR A 85 11.42 -16.09 6.25
C TYR A 85 11.12 -14.83 5.45
N ILE A 86 10.28 -14.90 4.42
CA ILE A 86 10.19 -13.85 3.41
C ILE A 86 8.83 -13.20 3.45
N LEU A 87 8.82 -11.87 3.54
CA LEU A 87 7.62 -11.07 3.35
C LEU A 87 7.71 -10.27 2.06
N VAL A 88 6.56 -10.05 1.44
CA VAL A 88 6.45 -9.20 0.27
C VAL A 88 5.70 -7.93 0.67
N GLY A 89 6.18 -6.80 0.17
CA GLY A 89 5.57 -5.52 0.48
C GLY A 89 5.25 -4.72 -0.77
N CYS A 90 4.39 -3.74 -0.58
CA CYS A 90 4.05 -2.72 -1.59
C CYS A 90 5.25 -1.79 -1.67
N GLY A 91 6.28 -2.27 -2.37
CA GLY A 91 7.60 -1.67 -2.33
C GLY A 91 8.29 -2.04 -1.03
N ALA A 92 9.62 -1.91 -1.03
CA ALA A 92 10.33 -1.97 0.25
C ALA A 92 9.85 -0.87 1.19
N ASP A 93 9.31 0.23 0.64
CA ASP A 93 8.74 1.27 1.48
C ASP A 93 7.73 0.71 2.47
N GLU A 94 6.86 -0.21 2.03
CA GLU A 94 5.85 -0.73 2.94
C GLU A 94 6.52 -1.46 4.10
N LEU A 95 7.58 -2.20 3.80
CA LEU A 95 8.23 -3.00 4.84
C LEU A 95 9.00 -2.12 5.82
N ILE A 96 9.62 -1.04 5.34
CA ILE A 96 10.27 -0.10 6.25
C ILE A 96 9.25 0.43 7.26
N ASP A 97 8.12 0.93 6.76
CA ASP A 97 7.08 1.47 7.63
C ASP A 97 6.50 0.40 8.53
N LEU A 98 6.23 -0.79 7.99
CA LEU A 98 5.66 -1.87 8.79
C LEU A 98 6.56 -2.22 9.96
N ILE A 99 7.86 -2.31 9.72
CA ILE A 99 8.79 -2.59 10.82
C ILE A 99 8.65 -1.55 11.91
N MET A 100 8.65 -0.27 11.51
CA MET A 100 8.56 0.80 12.50
C MET A 100 7.22 0.75 13.25
N ARG A 101 6.12 0.50 12.53
CA ARG A 101 4.82 0.43 13.18
C ARG A 101 4.74 -0.71 14.18
N CYS A 102 5.46 -1.79 13.95
CA CYS A 102 5.39 -2.95 14.82
C CYS A 102 6.40 -2.92 15.95
N VAL A 103 7.41 -2.06 15.87
CA VAL A 103 8.49 -2.06 16.84
C VAL A 103 8.60 -0.77 17.64
N LEU A 104 8.09 0.35 17.15
CA LEU A 104 8.29 1.64 17.81
C LEU A 104 6.99 2.15 18.42
N ASP A 105 6.91 2.16 19.75
CA ASP A 105 5.90 2.96 20.43
C ASP A 105 6.26 4.44 20.27
N PRO A 106 5.30 5.35 20.34
CA PRO A 106 5.65 6.77 20.39
C PRO A 106 6.69 7.02 21.46
N GLY A 107 7.74 7.76 21.11
CA GLY A 107 8.83 8.05 22.02
C GLY A 107 9.96 7.04 21.98
N ASP A 108 9.76 5.88 21.37
CA ASP A 108 10.87 4.96 21.17
C ASP A 108 11.88 5.57 20.21
N LYS A 109 13.09 5.05 20.27
CA LYS A 109 14.22 5.66 19.57
C LYS A 109 14.72 4.76 18.45
N ILE A 110 15.11 5.38 17.36
CA ILE A 110 15.66 4.72 16.20
C ILE A 110 16.96 5.43 15.85
N VAL A 111 17.98 4.67 15.50
CA VAL A 111 19.25 5.25 15.09
C VAL A 111 19.26 5.41 13.57
N ASP A 112 19.75 6.56 13.11
CA ASP A 112 19.91 6.85 11.69
C ASP A 112 21.33 7.39 11.48
N CYS A 113 21.89 7.08 10.31
CA CYS A 113 23.27 7.39 9.99
C CYS A 113 23.30 8.22 8.72
N PRO A 114 22.99 9.51 8.80
CA PRO A 114 22.96 10.36 7.61
C PRO A 114 24.36 10.69 7.12
N PRO A 115 24.51 11.08 5.86
CA PRO A 115 23.43 11.18 4.87
C PRO A 115 22.95 9.81 4.41
N THR A 116 21.64 9.61 4.38
CA THR A 116 21.10 8.33 3.94
C THR A 116 19.67 8.54 3.45
N PHE A 117 18.98 7.42 3.18
CA PHE A 117 17.65 7.44 2.60
C PHE A 117 16.68 8.20 3.48
N THR A 118 16.01 9.19 2.90
CA THR A 118 15.20 10.09 3.72
C THR A 118 13.93 9.46 4.23
N MET A 119 13.52 8.30 3.72
CA MET A 119 12.30 7.68 4.23
C MET A 119 12.48 7.15 5.64
N TYR A 120 13.70 6.84 6.08
CA TYR A 120 13.85 6.40 7.46
C TYR A 120 13.43 7.50 8.43
N GLU A 121 13.94 8.71 8.21
CA GLU A 121 13.59 9.80 9.11
C GLU A 121 12.12 10.21 8.94
N PHE A 122 11.60 10.17 7.72
CA PHE A 122 10.19 10.47 7.50
C PHE A 122 9.30 9.48 8.23
N ASP A 123 9.56 8.18 8.04
CA ASP A 123 8.72 7.17 8.66
C ASP A 123 8.82 7.25 10.18
N ALA A 124 10.01 7.56 10.69
CA ALA A 124 10.16 7.68 12.14
C ALA A 124 9.27 8.82 12.65
N ALA A 125 9.26 9.94 11.95
CA ALA A 125 8.45 11.07 12.37
C ALA A 125 6.96 10.75 12.30
N VAL A 126 6.51 10.12 11.21
CA VAL A 126 5.11 9.76 11.08
C VAL A 126 4.69 8.83 12.21
N ASN A 127 5.56 7.90 12.58
CA ASN A 127 5.25 6.94 13.63
C ASN A 127 5.52 7.49 15.03
N GLY A 128 5.95 8.73 15.17
CA GLY A 128 6.11 9.31 16.48
C GLY A 128 7.33 8.85 17.23
N ALA A 129 8.32 8.33 16.53
CA ALA A 129 9.58 7.90 17.13
C ALA A 129 10.60 9.03 17.12
N LEU A 130 11.62 8.88 17.96
CA LEU A 130 12.69 9.84 18.12
C LEU A 130 13.93 9.34 17.39
N VAL A 131 14.45 10.15 16.46
CA VAL A 131 15.62 9.78 15.68
C VAL A 131 16.88 10.20 16.41
N ILE A 132 17.80 9.24 16.58
CA ILE A 132 19.12 9.44 17.16
C ILE A 132 20.12 9.39 16.02
N LYS A 133 20.73 10.52 15.69
CA LYS A 133 21.60 10.60 14.52
C LYS A 133 23.05 10.31 14.90
N VAL A 134 23.66 9.39 14.15
CA VAL A 134 25.10 9.15 14.20
C VAL A 134 25.63 9.41 12.80
N PRO A 135 26.09 10.62 12.50
CA PRO A 135 26.52 10.91 11.13
C PRO A 135 27.61 9.96 10.65
N ARG A 136 27.58 9.68 9.35
CA ARG A 136 28.64 8.94 8.71
C ARG A 136 29.91 9.78 8.64
N ARG A 137 31.03 9.11 8.44
CA ARG A 137 32.33 9.77 8.37
C ARG A 137 32.51 10.42 7.01
N PRO A 138 33.58 11.20 6.82
CA PRO A 138 33.73 11.96 5.57
C PRO A 138 33.75 11.10 4.31
N ASP A 139 34.16 9.83 4.42
CA ASP A 139 34.11 8.91 3.28
C ASP A 139 32.79 8.14 3.20
N PHE A 140 31.79 8.57 3.97
CA PHE A 140 30.44 8.01 4.04
C PHE A 140 30.40 6.68 4.77
N SER A 141 31.52 6.25 5.36
CA SER A 141 31.49 5.01 6.13
C SER A 141 30.83 5.24 7.48
N LEU A 142 30.30 4.16 8.03
CA LEU A 142 29.70 4.23 9.35
C LEU A 142 30.75 4.51 10.42
N ASN A 143 30.32 5.20 11.47
CA ASN A 143 31.15 5.40 12.66
C ASN A 143 30.71 4.36 13.69
N VAL A 144 31.30 3.17 13.61
CA VAL A 144 30.85 2.05 14.44
C VAL A 144 31.04 2.38 15.91
N GLU A 145 32.17 3.00 16.27
N GLU A 145 32.19 2.94 16.29
CA GLU A 145 32.45 3.29 17.66
CA GLU A 145 32.41 3.27 17.69
C GLU A 145 31.43 4.25 18.27
C GLU A 145 31.28 4.14 18.21
N GLN A 146 30.93 5.19 17.47
CA GLN A 146 29.88 6.09 17.92
C GLN A 146 28.52 5.41 17.96
N ILE A 147 28.25 4.49 17.03
CA ILE A 147 27.00 3.75 17.09
C ILE A 147 26.95 2.92 18.37
N ILE A 148 28.05 2.22 18.68
CA ILE A 148 28.09 1.44 19.90
C ILE A 148 27.84 2.33 21.12
N GLU A 149 28.50 3.47 21.18
CA GLU A 149 28.36 4.33 22.35
C GLU A 149 26.94 4.88 22.47
N VAL A 150 26.33 5.26 21.35
CA VAL A 150 25.01 5.88 21.43
C VAL A 150 23.95 4.84 21.75
N VAL A 151 24.17 3.58 21.35
CA VAL A 151 23.17 2.55 21.65
C VAL A 151 23.15 2.30 23.15
N LYS A 152 24.32 2.29 23.79
CA LYS A 152 24.40 2.11 25.23
CA LYS A 152 24.38 2.12 25.23
C LYS A 152 23.73 3.28 25.95
N GLN A 153 23.93 4.50 25.45
CA GLN A 153 23.42 5.69 26.12
C GLN A 153 21.91 5.84 25.96
N GLU A 154 21.38 5.59 24.77
CA GLU A 154 20.01 5.94 24.41
C GLU A 154 19.05 4.76 24.41
N LYS A 155 19.56 3.53 24.42
CA LYS A 155 18.73 2.33 24.39
CA LYS A 155 18.73 2.33 24.39
C LYS A 155 17.68 2.39 23.28
N PRO A 156 18.11 2.60 22.03
CA PRO A 156 17.15 2.60 20.92
C PRO A 156 16.66 1.20 20.60
N LYS A 157 15.54 1.16 19.88
CA LYS A 157 14.94 -0.12 19.46
C LYS A 157 15.55 -0.66 18.17
N CYS A 158 15.91 0.21 17.23
CA CYS A 158 16.32 -0.28 15.92
C CYS A 158 17.24 0.71 15.23
N ILE A 159 17.91 0.22 14.20
CA ILE A 159 18.77 1.02 13.35
C ILE A 159 18.58 0.52 11.93
N PHE A 160 18.40 1.44 10.99
CA PHE A 160 18.36 1.12 9.57
C PHE A 160 19.71 1.46 8.96
N LEU A 161 20.22 0.55 8.12
CA LEU A 161 21.53 0.68 7.51
C LEU A 161 21.41 0.34 6.03
N THR A 162 21.69 1.32 5.16
CA THR A 162 21.63 1.10 3.72
C THR A 162 22.98 0.71 3.18
N SER A 163 23.02 -0.35 2.35
CA SER A 163 24.24 -0.78 1.71
C SER A 163 23.94 -1.56 0.43
N PRO A 164 24.30 -1.03 -0.77
CA PRO A 164 24.94 0.27 -1.02
C PRO A 164 24.09 1.43 -0.51
N ASN A 165 24.74 2.41 0.11
CA ASN A 165 24.00 3.51 0.68
C ASN A 165 23.39 4.40 -0.40
N ASN A 166 22.23 4.94 -0.08
CA ASN A 166 21.62 6.04 -0.82
C ASN A 166 21.82 7.27 0.04
N PRO A 167 22.55 8.32 -0.39
CA PRO A 167 22.80 8.66 -1.79
C PRO A 167 24.18 8.52 -2.39
N ASP A 168 25.16 7.95 -1.68
CA ASP A 168 26.53 7.94 -2.18
C ASP A 168 26.96 6.60 -2.76
N GLY A 169 26.34 5.50 -2.36
CA GLY A 169 26.61 4.22 -2.97
C GLY A 169 27.68 3.37 -2.32
N SER A 170 28.20 3.78 -1.16
CA SER A 170 29.24 3.01 -0.47
C SER A 170 28.62 1.80 0.23
N ILE A 171 29.47 0.81 0.51
CA ILE A 171 28.99 -0.44 1.10
C ILE A 171 29.53 -0.59 2.52
N ILE A 172 28.76 -1.31 3.34
CA ILE A 172 29.13 -1.61 4.72
C ILE A 172 29.91 -2.92 4.74
N ASP A 173 31.09 -2.92 5.34
CA ASP A 173 31.85 -4.15 5.31
C ASP A 173 31.35 -5.10 6.41
N ASP A 174 31.63 -6.39 6.20
CA ASP A 174 31.02 -7.43 7.02
C ASP A 174 31.35 -7.26 8.50
N ASP A 175 32.58 -6.83 8.81
CA ASP A 175 32.99 -6.74 10.21
C ASP A 175 32.22 -5.63 10.95
N ASP A 176 31.99 -4.50 10.27
CA ASP A 176 31.19 -3.44 10.88
C ASP A 176 29.77 -3.92 11.15
N LEU A 177 29.15 -4.57 10.15
CA LEU A 177 27.79 -5.07 10.34
C LEU A 177 27.74 -6.08 11.48
N LEU A 178 28.74 -6.97 11.56
CA LEU A 178 28.73 -7.98 12.62
C LEU A 178 28.90 -7.34 14.00
N LYS A 179 29.75 -6.31 14.10
CA LYS A 179 29.89 -5.63 15.39
C LYS A 179 28.57 -4.97 15.80
N ILE A 180 27.88 -4.36 14.85
CA ILE A 180 26.61 -3.72 15.18
C ILE A 180 25.57 -4.77 15.58
N LEU A 181 25.61 -5.95 14.94
CA LEU A 181 24.64 -7.00 15.26
C LEU A 181 24.84 -7.57 16.65
N GLU A 182 25.98 -7.33 17.27
CA GLU A 182 26.18 -7.74 18.67
C GLU A 182 25.47 -6.83 19.66
N LEU A 183 24.94 -5.69 19.21
CA LEU A 183 24.27 -4.76 20.10
C LEU A 183 22.82 -5.18 20.33
N PRO A 184 22.23 -4.74 21.43
CA PRO A 184 20.82 -5.08 21.75
C PRO A 184 19.84 -4.17 21.02
N ILE A 185 19.78 -4.38 19.71
CA ILE A 185 19.06 -3.51 18.79
C ILE A 185 18.65 -4.33 17.59
N LEU A 186 17.53 -3.96 16.98
CA LEU A 186 17.10 -4.55 15.72
C LEU A 186 17.80 -3.84 14.57
N VAL A 187 18.50 -4.61 13.73
CA VAL A 187 19.26 -4.05 12.60
C VAL A 187 18.50 -4.36 11.32
N VAL A 188 18.15 -3.32 10.56
CA VAL A 188 17.51 -3.49 9.27
C VAL A 188 18.51 -3.08 8.20
N LEU A 189 19.01 -4.07 7.44
CA LEU A 189 19.96 -3.83 6.38
C LEU A 189 19.18 -3.67 5.07
N ASP A 190 19.31 -2.52 4.44
CA ASP A 190 18.54 -2.18 3.23
C ASP A 190 19.42 -2.38 2.02
N GLU A 191 19.18 -3.48 1.30
CA GLU A 191 19.94 -3.89 0.12
C GLU A 191 19.24 -3.48 -1.19
N ALA A 192 18.52 -2.36 -1.16
CA ALA A 192 17.78 -1.90 -2.34
C ALA A 192 18.64 -1.91 -3.60
N TYR A 193 19.94 -1.64 -3.50
CA TYR A 193 20.81 -1.47 -4.66
C TYR A 193 21.86 -2.57 -4.79
N ILE A 194 21.72 -3.67 -4.06
CA ILE A 194 22.81 -4.63 -3.96
C ILE A 194 23.14 -5.25 -5.31
N GLU A 195 22.15 -5.34 -6.21
CA GLU A 195 22.41 -6.00 -7.49
C GLU A 195 23.44 -5.27 -8.33
N PHE A 196 23.65 -3.96 -8.10
CA PHE A 196 24.62 -3.19 -8.88
C PHE A 196 26.03 -3.32 -8.34
N SER A 197 26.20 -3.99 -7.21
CA SER A 197 27.51 -4.24 -6.63
C SER A 197 27.93 -5.66 -6.93
N THR A 198 29.15 -6.00 -6.54
CA THR A 198 29.65 -7.37 -6.64
C THR A 198 29.48 -8.13 -5.34
N ILE A 199 28.72 -7.58 -4.38
CA ILE A 199 28.58 -8.14 -3.04
C ILE A 199 27.37 -9.06 -3.01
N GLU A 200 27.51 -10.18 -2.30
CA GLU A 200 26.41 -11.11 -2.13
C GLU A 200 25.41 -10.57 -1.12
N SER A 201 24.13 -10.86 -1.37
CA SER A 201 23.08 -10.51 -0.42
C SER A 201 23.28 -11.24 0.90
N LYS A 202 22.90 -10.58 2.00
CA LYS A 202 22.98 -11.17 3.32
C LYS A 202 21.63 -11.66 3.81
N MET A 203 20.66 -11.89 2.92
CA MET A 203 19.39 -12.44 3.34
C MET A 203 19.57 -13.69 4.19
N SER A 204 20.53 -14.55 3.83
CA SER A 204 20.72 -15.81 4.56
C SER A 204 21.17 -15.57 6.01
N TRP A 205 21.71 -14.38 6.30
CA TRP A 205 22.17 -14.13 7.65
C TRP A 205 21.03 -14.09 8.66
N VAL A 206 19.78 -13.87 8.22
CA VAL A 206 18.70 -13.75 9.19
C VAL A 206 18.44 -15.08 9.89
N LYS A 207 18.95 -16.19 9.34
CA LYS A 207 18.75 -17.48 10.01
C LYS A 207 19.62 -17.61 11.25
N LYS A 208 20.70 -16.83 11.36
CA LYS A 208 21.59 -16.91 12.51
C LYS A 208 21.59 -15.65 13.37
N HIS A 209 20.94 -14.59 12.93
CA HIS A 209 20.88 -13.33 13.68
C HIS A 209 19.42 -12.96 13.78
N ASP A 210 18.79 -13.21 14.93
CA ASP A 210 17.36 -12.91 15.03
C ASP A 210 17.10 -11.43 15.33
N ASN A 211 18.14 -10.59 15.26
CA ASN A 211 17.98 -9.15 15.28
C ASN A 211 18.39 -8.53 13.96
N LEU A 212 18.34 -9.29 12.88
CA LEU A 212 18.65 -8.78 11.54
C LEU A 212 17.46 -8.97 10.61
N ILE A 213 17.13 -7.92 9.87
CA ILE A 213 16.19 -7.95 8.75
C ILE A 213 16.94 -7.44 7.53
N VAL A 214 16.69 -8.04 6.37
CA VAL A 214 17.32 -7.62 5.12
C VAL A 214 16.24 -7.30 4.10
N LEU A 215 16.28 -6.09 3.55
CA LEU A 215 15.27 -5.61 2.61
C LEU A 215 15.84 -5.55 1.19
N ARG A 216 14.95 -5.82 0.23
CA ARG A 216 15.26 -5.86 -1.18
C ARG A 216 14.10 -5.24 -1.94
N THR A 217 14.31 -5.00 -3.23
CA THR A 217 13.22 -4.45 -4.02
C THR A 217 13.33 -4.89 -5.48
N PHE A 218 12.20 -4.80 -6.17
CA PHE A 218 12.14 -4.93 -7.62
C PHE A 218 12.14 -3.58 -8.33
N SER A 219 12.22 -2.48 -7.57
CA SER A 219 11.97 -1.17 -8.17
C SER A 219 13.12 -0.67 -9.02
N LYS A 220 14.35 -1.13 -8.77
CA LYS A 220 15.52 -0.51 -9.36
C LYS A 220 16.05 -1.46 -10.43
N ARG A 221 16.89 -2.43 -10.08
CA ARG A 221 17.46 -3.28 -11.11
C ARG A 221 16.37 -3.97 -11.94
N ALA A 222 15.27 -4.38 -11.31
CA ALA A 222 14.24 -5.11 -12.03
C ALA A 222 13.24 -4.20 -12.77
N GLY A 223 13.33 -2.88 -12.61
CA GLY A 223 12.54 -1.99 -13.45
C GLY A 223 11.05 -1.99 -13.17
N LEU A 224 10.65 -2.20 -11.90
CA LEU A 224 9.24 -2.29 -11.56
C LEU A 224 8.82 -1.25 -10.52
N ALA A 225 9.53 -0.11 -10.47
CA ALA A 225 9.22 0.91 -9.48
C ALA A 225 7.74 1.29 -9.49
N GLY A 226 7.11 1.36 -10.67
CA GLY A 226 5.72 1.78 -10.71
C GLY A 226 4.73 0.77 -10.20
N LEU A 227 5.12 -0.52 -10.13
CA LEU A 227 4.21 -1.58 -9.75
C LEU A 227 4.21 -1.84 -8.24
N ARG A 228 5.22 -1.35 -7.52
CA ARG A 228 5.29 -1.39 -6.06
C ARG A 228 5.41 -2.79 -5.50
N VAL A 229 6.58 -3.39 -5.61
CA VAL A 229 6.77 -4.72 -5.06
C VAL A 229 8.21 -4.85 -4.54
N GLY A 230 8.34 -5.05 -3.23
CA GLY A 230 9.62 -5.32 -2.62
C GLY A 230 9.46 -6.50 -1.67
N TYR A 231 10.56 -6.85 -1.01
CA TYR A 231 10.53 -8.03 -0.16
C TYR A 231 11.64 -7.96 0.88
N GLY A 232 11.60 -8.88 1.81
CA GLY A 232 12.60 -8.90 2.85
C GLY A 232 12.70 -10.25 3.51
N ALA A 233 13.84 -10.45 4.15
CA ALA A 233 14.11 -11.62 4.98
C ALA A 233 14.00 -11.22 6.45
N PHE A 234 13.24 -12.01 7.22
CA PHE A 234 12.91 -11.68 8.58
C PHE A 234 13.11 -12.89 9.47
N PRO A 235 13.66 -12.72 10.67
CA PRO A 235 13.67 -13.83 11.64
C PRO A 235 12.26 -14.33 11.90
N LEU A 236 12.14 -15.63 12.20
CA LEU A 236 10.82 -16.21 12.36
C LEU A 236 10.08 -15.61 13.54
N SER A 237 10.80 -15.24 14.60
CA SER A 237 10.17 -14.68 15.78
C SER A 237 9.61 -13.29 15.55
N ILE A 238 10.12 -12.57 14.54
CA ILE A 238 9.59 -11.27 14.17
C ILE A 238 8.49 -11.41 13.12
N ILE A 239 8.73 -12.25 12.11
CA ILE A 239 7.79 -12.35 11.01
C ILE A 239 6.44 -12.83 11.50
N LYS A 240 6.41 -13.68 12.53
CA LYS A 240 5.13 -14.17 13.04
C LYS A 240 4.22 -13.00 13.40
N TYR A 241 4.78 -11.96 14.00
CA TYR A 241 3.97 -10.81 14.42
C TYR A 241 3.72 -9.86 13.26
N LEU A 242 4.67 -9.70 12.35
CA LEU A 242 4.43 -8.84 11.19
C LEU A 242 3.30 -9.39 10.32
N TRP A 243 3.24 -10.73 10.17
CA TRP A 243 2.14 -11.33 9.42
C TRP A 243 0.80 -10.92 10.00
N ARG A 244 0.71 -10.87 11.33
CA ARG A 244 -0.57 -10.59 11.96
C ARG A 244 -0.96 -9.12 11.83
N ALA A 245 0.02 -8.21 11.82
CA ALA A 245 -0.27 -6.79 11.77
C ALA A 245 -0.30 -6.22 10.36
N LYS A 246 0.23 -6.95 9.38
CA LYS A 246 0.30 -6.47 8.00
C LYS A 246 -1.08 -6.31 7.40
N GLN A 247 -1.25 -5.30 6.56
CA GLN A 247 -2.51 -5.18 5.83
C GLN A 247 -2.69 -6.39 4.92
N PRO A 248 -3.92 -6.89 4.76
CA PRO A 248 -4.08 -8.16 4.02
C PRO A 248 -3.74 -8.06 2.55
N TYR A 249 -4.03 -6.93 1.88
CA TYR A 249 -4.04 -6.93 0.42
C TYR A 249 -3.26 -5.77 -0.20
N ASN A 250 -2.21 -5.26 0.45
CA ASN A 250 -1.50 -4.12 -0.15
C ASN A 250 -0.66 -4.54 -1.37
N VAL A 251 -0.24 -5.80 -1.43
CA VAL A 251 0.50 -6.30 -2.59
C VAL A 251 -0.51 -6.69 -3.67
N SER A 252 -0.55 -5.92 -4.74
CA SER A 252 -1.58 -6.11 -5.74
C SER A 252 -1.30 -7.31 -6.62
N VAL A 253 -2.34 -7.73 -7.36
CA VAL A 253 -2.17 -8.79 -8.34
C VAL A 253 -1.13 -8.39 -9.37
N ALA A 254 -1.13 -7.14 -9.81
CA ALA A 254 -0.15 -6.71 -10.81
C ALA A 254 1.25 -6.74 -10.24
N ALA A 255 1.40 -6.39 -8.96
CA ALA A 255 2.72 -6.44 -8.33
C ALA A 255 3.25 -7.87 -8.29
N GLU A 256 2.44 -8.80 -7.80
CA GLU A 256 2.91 -10.18 -7.68
C GLU A 256 3.20 -10.78 -9.05
N ILE A 257 2.29 -10.56 -10.01
CA ILE A 257 2.45 -11.11 -11.36
C ILE A 257 3.70 -10.55 -12.03
N SER A 258 3.92 -9.23 -11.91
CA SER A 258 5.05 -8.62 -12.59
CA SER A 258 5.05 -8.61 -12.59
C SER A 258 6.38 -9.09 -12.01
N ALA A 259 6.46 -9.21 -10.69
CA ALA A 259 7.70 -9.66 -10.07
C ALA A 259 8.01 -11.10 -10.44
N CYS A 260 7.01 -11.99 -10.39
CA CYS A 260 7.22 -13.36 -10.80
C CYS A 260 7.70 -13.42 -12.25
N ALA A 261 7.09 -12.61 -13.13
CA ALA A 261 7.49 -12.59 -14.53
C ALA A 261 8.94 -12.12 -14.68
N ALA A 262 9.31 -11.06 -13.96
CA ALA A 262 10.68 -10.55 -14.07
C ALA A 262 11.70 -11.63 -13.73
N LEU A 263 11.43 -12.43 -12.70
CA LEU A 263 12.37 -13.46 -12.28
C LEU A 263 12.50 -14.58 -13.29
N GLN A 264 11.59 -14.67 -14.27
CA GLN A 264 11.70 -15.69 -15.30
CA GLN A 264 11.70 -15.69 -15.30
C GLN A 264 12.78 -15.37 -16.33
N ASN A 265 13.40 -14.19 -16.26
CA ASN A 265 14.38 -13.76 -17.26
C ASN A 265 15.66 -13.28 -16.57
N PRO A 266 16.40 -14.19 -15.94
CA PRO A 266 17.66 -13.78 -15.30
C PRO A 266 18.68 -13.21 -16.26
N THR A 267 18.66 -13.63 -17.54
CA THR A 267 19.61 -13.08 -18.50
C THR A 267 19.36 -11.60 -18.74
N TYR A 268 18.10 -11.22 -18.92
CA TYR A 268 17.78 -9.81 -19.09
C TYR A 268 18.21 -9.01 -17.87
N LEU A 269 17.85 -9.50 -16.68
CA LEU A 269 18.19 -8.79 -15.45
C LEU A 269 19.70 -8.59 -15.33
N GLU A 270 20.47 -9.62 -15.68
CA GLU A 270 21.92 -9.48 -15.60
C GLU A 270 22.43 -8.50 -16.66
N ASN A 271 21.86 -8.55 -17.86
CA ASN A 271 22.37 -7.71 -18.94
C ASN A 271 22.09 -6.23 -18.68
N VAL A 272 20.90 -5.89 -18.18
CA VAL A 272 20.63 -4.47 -17.91
C VAL A 272 21.45 -3.99 -16.72
N LYS A 273 21.64 -4.86 -15.71
CA LYS A 273 22.52 -4.50 -14.61
C LYS A 273 23.93 -4.21 -15.11
N ASP A 274 24.45 -5.06 -15.98
CA ASP A 274 25.81 -4.84 -16.47
C ASP A 274 25.91 -3.58 -17.31
N ALA A 275 24.87 -3.29 -18.11
CA ALA A 275 24.90 -2.06 -18.90
C ALA A 275 24.91 -0.83 -17.99
N LEU A 276 24.20 -0.90 -16.87
CA LEU A 276 24.13 0.24 -15.96
C LEU A 276 25.43 0.37 -15.17
N VAL A 277 26.05 -0.74 -14.79
CA VAL A 277 27.36 -0.67 -14.14
C VAL A 277 28.40 -0.09 -15.08
N LYS A 278 28.35 -0.47 -16.36
CA LYS A 278 29.28 0.07 -17.34
C LYS A 278 29.12 1.59 -17.47
N GLU A 279 27.88 2.05 -17.59
CA GLU A 279 27.65 3.48 -17.76
C GLU A 279 27.95 4.24 -16.47
N ARG A 280 27.78 3.59 -15.31
CA ARG A 280 28.15 4.23 -14.06
C ARG A 280 29.60 4.71 -14.10
N GLY A 281 30.50 3.88 -14.63
CA GLY A 281 31.90 4.27 -14.69
C GLY A 281 32.13 5.42 -15.65
N ARG A 282 31.44 5.40 -16.79
CA ARG A 282 31.59 6.50 -17.74
C ARG A 282 31.04 7.80 -17.19
N LEU A 283 29.86 7.74 -16.57
CA LEU A 283 29.26 8.91 -15.95
C LEU A 283 30.15 9.49 -14.86
N PHE A 284 30.73 8.63 -14.02
CA PHE A 284 31.60 9.13 -12.96
C PHE A 284 32.75 9.95 -13.53
N ASP A 285 33.39 9.47 -14.59
CA ASP A 285 34.55 10.17 -15.12
C ASP A 285 34.15 11.48 -15.77
N LEU A 286 32.97 11.51 -16.42
CA LEU A 286 32.48 12.75 -17.01
C LEU A 286 32.15 13.79 -15.94
N LEU A 287 31.46 13.36 -14.88
CA LEU A 287 31.14 14.29 -13.79
C LEU A 287 32.43 14.78 -13.10
N LYS A 288 33.42 13.90 -12.98
CA LYS A 288 34.65 14.27 -12.29
C LYS A 288 35.36 15.41 -13.00
N ALA A 289 35.17 15.53 -14.31
CA ALA A 289 35.82 16.58 -15.09
C ALA A 289 35.13 17.93 -14.97
N VAL A 290 33.92 17.97 -14.43
CA VAL A 290 33.19 19.22 -14.24
C VAL A 290 33.84 19.96 -13.08
N PRO A 291 34.30 21.21 -13.25
CA PRO A 291 35.09 21.85 -12.18
C PRO A 291 34.35 21.99 -10.86
N PHE A 292 33.03 22.13 -10.86
CA PHE A 292 32.29 22.42 -9.65
C PHE A 292 31.53 21.22 -9.11
N LEU A 293 31.84 20.02 -9.61
CA LEU A 293 31.27 18.79 -9.08
C LEU A 293 32.39 17.87 -8.59
N LYS A 294 32.17 17.28 -7.42
CA LYS A 294 33.08 16.28 -6.86
C LYS A 294 32.28 14.99 -6.71
N PRO A 295 32.39 14.05 -7.65
CA PRO A 295 31.66 12.79 -7.52
C PRO A 295 32.36 11.83 -6.56
N PHE A 296 31.54 10.97 -5.95
CA PHE A 296 32.04 9.95 -5.04
C PHE A 296 31.89 8.56 -5.63
N PRO A 297 32.80 7.64 -5.28
CA PRO A 297 32.69 6.27 -5.78
C PRO A 297 31.40 5.62 -5.32
N SER A 298 30.86 4.74 -6.16
CA SER A 298 29.55 4.16 -5.91
C SER A 298 29.49 2.71 -6.37
N HIS A 299 28.72 1.91 -5.60
CA HIS A 299 28.40 0.54 -5.96
C HIS A 299 26.93 0.38 -6.34
N SER A 300 26.20 1.48 -6.56
CA SER A 300 24.77 1.47 -6.84
C SER A 300 24.53 1.86 -8.30
N ASN A 301 23.34 2.35 -8.60
CA ASN A 301 23.02 2.88 -9.93
C ASN A 301 22.85 4.40 -9.89
N PHE A 302 23.64 5.07 -9.04
CA PHE A 302 23.63 6.52 -8.96
C PHE A 302 24.98 7.02 -8.48
N ILE A 303 25.25 8.30 -8.75
CA ILE A 303 26.49 8.95 -8.36
C ILE A 303 26.15 10.24 -7.62
N LEU A 304 26.66 10.37 -6.39
CA LEU A 304 26.55 11.59 -5.61
C LEU A 304 27.68 12.55 -5.96
N CYS A 305 27.33 13.82 -6.14
CA CYS A 305 28.30 14.88 -6.35
C CYS A 305 28.15 15.94 -5.28
N GLU A 306 29.25 16.26 -4.61
CA GLU A 306 29.33 17.50 -3.85
C GLU A 306 29.46 18.65 -4.84
N VAL A 307 28.63 19.67 -4.67
CA VAL A 307 28.65 20.86 -5.50
C VAL A 307 29.57 21.87 -4.83
N THR A 308 30.60 22.31 -5.54
CA THR A 308 31.65 23.12 -4.95
C THR A 308 31.68 24.51 -5.59
N SER A 309 32.72 25.28 -5.23
CA SER A 309 33.04 26.51 -5.94
C SER A 309 31.91 27.54 -5.84
N GLY A 310 31.18 27.55 -4.73
CA GLY A 310 30.14 28.53 -4.55
C GLY A 310 28.91 28.35 -5.40
N VAL A 311 28.76 27.20 -6.05
CA VAL A 311 27.61 26.96 -6.90
C VAL A 311 26.43 26.53 -6.05
N ASP A 312 25.27 27.12 -6.30
CA ASP A 312 24.05 26.79 -5.58
C ASP A 312 23.52 25.44 -6.04
N PRO A 313 23.52 24.41 -5.19
CA PRO A 313 23.07 23.09 -5.66
C PRO A 313 21.60 23.06 -6.03
N LYS A 314 20.75 23.78 -5.31
CA LYS A 314 19.33 23.78 -5.65
C LYS A 314 19.11 24.46 -7.00
N LYS A 315 19.78 25.59 -7.23
CA LYS A 315 19.64 26.29 -8.50
C LYS A 315 20.20 25.47 -9.65
N LEU A 316 21.31 24.76 -9.43
CA LEU A 316 21.84 23.86 -10.45
C LEU A 316 20.77 22.84 -10.86
N LYS A 317 20.14 22.20 -9.88
CA LYS A 317 19.12 21.22 -10.18
C LYS A 317 17.95 21.87 -10.91
N GLU A 318 17.54 23.07 -10.48
CA GLU A 318 16.38 23.71 -11.10
C GLU A 318 16.71 24.20 -12.51
N ASP A 319 17.93 24.69 -12.72
CA ASP A 319 18.36 25.09 -14.05
C ASP A 319 18.41 23.91 -15.00
N LEU A 320 18.91 22.77 -14.54
CA LEU A 320 18.93 21.58 -15.37
C LEU A 320 17.51 21.14 -15.73
N ALA A 321 16.59 21.19 -14.76
CA ALA A 321 15.21 20.83 -15.04
C ALA A 321 14.61 21.71 -16.13
N GLU A 322 14.92 23.01 -16.10
CA GLU A 322 14.42 23.91 -17.13
C GLU A 322 14.94 23.55 -18.51
N MET A 323 16.08 22.84 -18.58
CA MET A 323 16.64 22.36 -19.83
C MET A 323 16.16 20.95 -20.17
N GLY A 324 15.38 20.34 -19.30
CA GLY A 324 14.80 19.04 -19.57
C GLY A 324 15.51 17.85 -18.97
N VAL A 325 16.36 18.06 -17.97
CA VAL A 325 17.09 16.98 -17.32
C VAL A 325 16.82 17.05 -15.84
N MET A 326 16.34 15.94 -15.25
N MET A 326 16.39 15.94 -15.25
CA MET A 326 15.96 15.86 -13.85
CA MET A 326 16.00 15.89 -13.85
C MET A 326 17.04 15.09 -13.07
C MET A 326 17.03 15.10 -13.06
N ILE A 327 17.63 15.75 -12.08
CA ILE A 327 18.51 15.09 -11.14
C ILE A 327 17.95 15.37 -9.74
N ARG A 328 18.50 14.68 -8.75
CA ARG A 328 17.96 14.71 -7.40
C ARG A 328 18.68 15.76 -6.56
N HIS A 329 17.90 16.60 -5.92
CA HIS A 329 18.35 17.48 -4.86
C HIS A 329 17.33 17.34 -3.73
N TYR A 330 17.82 17.20 -2.50
CA TYR A 330 16.96 17.07 -1.34
C TYR A 330 17.21 18.23 -0.37
N SER A 331 16.15 18.91 0.04
CA SER A 331 16.28 20.07 0.92
C SER A 331 16.13 19.63 2.37
N ASN A 332 17.25 19.18 2.92
CA ASN A 332 17.40 19.02 4.37
C ASN A 332 18.86 19.25 4.70
N LYS A 333 19.15 19.32 6.01
CA LYS A 333 20.47 19.76 6.44
C LYS A 333 21.58 18.90 5.84
N GLU A 334 21.41 17.57 5.89
CA GLU A 334 22.52 16.68 5.57
C GLU A 334 22.72 16.49 4.07
N LEU A 335 21.71 16.80 3.25
CA LEU A 335 21.77 16.48 1.83
C LEU A 335 21.75 17.69 0.89
N LYS A 336 21.49 18.90 1.39
CA LYS A 336 21.27 20.03 0.50
C LYS A 336 22.52 20.43 -0.29
N GLY A 337 23.71 20.09 0.19
CA GLY A 337 24.92 20.46 -0.50
C GLY A 337 25.33 19.57 -1.65
N TYR A 338 24.54 18.56 -1.97
CA TYR A 338 24.87 17.60 -3.00
C TYR A 338 23.80 17.60 -4.09
N VAL A 339 24.15 17.02 -5.22
CA VAL A 339 23.16 16.52 -6.17
C VAL A 339 23.48 15.05 -6.43
N ARG A 340 22.44 14.28 -6.69
CA ARG A 340 22.58 12.85 -6.95
C ARG A 340 22.09 12.58 -8.36
N VAL A 341 22.94 11.94 -9.16
CA VAL A 341 22.65 11.67 -10.57
C VAL A 341 22.49 10.17 -10.75
N SER A 342 21.30 9.74 -11.16
CA SER A 342 21.08 8.33 -11.43
C SER A 342 21.74 7.95 -12.75
N VAL A 343 22.11 6.67 -12.86
CA VAL A 343 22.73 6.14 -14.07
C VAL A 343 21.63 5.74 -15.05
N GLY A 344 21.66 6.34 -16.25
CA GLY A 344 20.73 6.03 -17.29
C GLY A 344 21.36 5.35 -18.48
N LYS A 345 20.73 5.48 -19.63
CA LYS A 345 21.34 5.05 -20.88
C LYS A 345 22.47 5.99 -21.23
N PRO A 346 23.43 5.53 -22.05
CA PRO A 346 24.51 6.44 -22.46
C PRO A 346 24.00 7.76 -23.04
N GLU A 347 22.92 7.71 -23.82
CA GLU A 347 22.39 8.93 -24.43
C GLU A 347 21.83 9.89 -23.38
N HIS A 348 21.36 9.35 -22.25
CA HIS A 348 20.89 10.19 -21.16
C HIS A 348 22.05 10.94 -20.53
N THR A 349 23.14 10.23 -20.26
CA THR A 349 24.35 10.88 -19.77
C THR A 349 24.79 11.98 -20.72
N ASP A 350 24.71 11.73 -22.02
CA ASP A 350 25.18 12.71 -22.99
C ASP A 350 24.34 13.99 -22.95
N VAL A 351 23.02 13.84 -22.81
CA VAL A 351 22.16 15.02 -22.66
C VAL A 351 22.51 15.77 -21.38
N LEU A 352 22.70 15.02 -20.29
CA LEU A 352 23.05 15.67 -19.02
C LEU A 352 24.31 16.51 -19.17
N MET A 353 25.35 15.96 -19.79
CA MET A 353 26.60 16.69 -19.89
C MET A 353 26.46 17.91 -20.79
N ASN A 354 25.65 17.81 -21.87
CA ASN A 354 25.37 18.99 -22.69
C ASN A 354 24.74 20.09 -21.85
N CYS A 355 23.76 19.72 -21.02
CA CYS A 355 23.11 20.73 -20.19
C CYS A 355 24.06 21.29 -19.15
N ILE A 356 24.90 20.44 -18.55
CA ILE A 356 25.87 20.94 -17.58
C ILE A 356 26.82 21.94 -18.25
N SER A 357 27.27 21.63 -19.48
CA SER A 357 28.15 22.56 -20.18
C SER A 357 27.48 23.91 -20.41
N ARG A 358 26.18 23.91 -20.63
CA ARG A 358 25.44 25.13 -20.90
C ARG A 358 25.17 25.95 -19.65
N LEU A 359 25.42 25.39 -18.47
CA LEU A 359 25.35 26.12 -17.21
C LEU A 359 26.70 26.66 -16.77
N SER A 360 27.77 26.22 -17.44
CA SER A 360 29.12 26.28 -16.91
C SER A 360 29.95 27.37 -17.56
N SER B 2 11.63 -9.56 23.02
CA SER B 2 11.13 -9.28 21.68
C SER B 2 11.09 -7.78 21.41
N PHE B 3 11.35 -7.40 20.15
CA PHE B 3 11.28 -6.00 19.75
C PHE B 3 9.85 -5.53 19.49
N ILE B 4 8.90 -6.45 19.45
CA ILE B 4 7.55 -6.12 19.02
C ILE B 4 6.85 -5.30 20.11
N ARG B 5 6.07 -4.31 19.67
CA ARG B 5 5.28 -3.51 20.60
C ARG B 5 4.33 -4.38 21.40
N GLN B 6 4.19 -4.07 22.68
CA GLN B 6 3.44 -4.91 23.60
C GLN B 6 2.02 -5.15 23.10
N HIS B 7 1.35 -4.13 22.58
CA HIS B 7 -0.05 -4.29 22.24
C HIS B 7 -0.25 -5.22 21.04
N LEU B 8 0.81 -5.49 20.29
CA LEU B 8 0.70 -6.38 19.14
C LEU B 8 0.90 -7.84 19.51
N ARG B 9 1.38 -8.13 20.72
CA ARG B 9 1.75 -9.50 21.04
C ARG B 9 0.54 -10.40 21.18
N LYS B 10 -0.64 -9.85 21.42
CA LYS B 10 -1.87 -10.63 21.48
C LYS B 10 -2.92 -10.11 20.49
N LEU B 11 -2.46 -9.48 19.41
CA LEU B 11 -3.38 -9.04 18.37
C LEU B 11 -4.07 -10.23 17.71
N ALA B 12 -5.39 -10.13 17.56
CA ALA B 12 -6.14 -11.14 16.80
C ALA B 12 -6.00 -10.83 15.31
N PRO B 13 -5.51 -11.76 14.49
CA PRO B 13 -5.32 -11.45 13.07
C PRO B 13 -6.63 -11.31 12.32
N TYR B 14 -6.60 -10.53 11.24
CA TYR B 14 -7.69 -10.55 10.29
C TYR B 14 -7.79 -11.93 9.64
N GLN B 15 -8.98 -12.25 9.14
CA GLN B 15 -9.25 -13.53 8.47
C GLN B 15 -9.53 -13.30 7.00
N PRO B 16 -8.49 -13.18 6.16
CA PRO B 16 -8.72 -12.92 4.74
C PRO B 16 -9.21 -14.16 4.01
N ILE B 17 -9.60 -13.95 2.76
CA ILE B 17 -9.99 -15.04 1.88
C ILE B 17 -8.90 -15.23 0.83
N LEU B 18 -9.01 -16.33 0.11
CA LEU B 18 -7.96 -16.77 -0.81
C LEU B 18 -8.41 -16.66 -2.26
N PRO B 19 -7.48 -16.40 -3.18
CA PRO B 19 -7.84 -16.19 -4.58
C PRO B 19 -7.97 -17.50 -5.36
N PHE B 20 -8.40 -17.37 -6.61
CA PHE B 20 -8.68 -18.54 -7.44
C PHE B 20 -7.48 -19.47 -7.56
N GLU B 21 -6.29 -18.90 -7.75
CA GLU B 21 -5.11 -19.75 -7.99
C GLU B 21 -4.78 -20.60 -6.78
N VAL B 22 -5.03 -20.07 -5.58
CA VAL B 22 -4.79 -20.83 -4.35
C VAL B 22 -5.94 -21.80 -4.10
N LEU B 23 -7.18 -21.35 -4.34
CA LEU B 23 -8.32 -22.24 -4.18
C LEU B 23 -8.21 -23.47 -5.08
N SER B 24 -7.69 -23.29 -6.29
CA SER B 24 -7.60 -24.41 -7.23
C SER B 24 -6.79 -25.54 -6.62
N SER B 25 -5.63 -25.21 -6.04
CA SER B 25 -4.79 -26.24 -5.43
C SER B 25 -5.51 -26.93 -4.29
N ARG B 26 -6.23 -26.16 -3.47
CA ARG B 26 -6.85 -26.69 -2.25
C ARG B 26 -8.14 -27.45 -2.52
N LEU B 27 -8.92 -27.04 -3.52
CA LEU B 27 -10.20 -27.67 -3.81
C LEU B 27 -10.11 -28.74 -4.90
N GLY B 28 -8.99 -28.82 -5.60
CA GLY B 28 -8.85 -29.78 -6.68
C GLY B 28 -9.67 -29.44 -7.90
N ARG B 29 -9.91 -28.15 -8.13
CA ARG B 29 -10.73 -27.69 -9.23
C ARG B 29 -9.99 -26.62 -10.02
N LYS B 30 -10.24 -26.60 -11.33
CA LYS B 30 -9.76 -25.48 -12.14
C LYS B 30 -10.44 -24.19 -11.67
N PRO B 31 -9.78 -23.04 -11.83
CA PRO B 31 -10.43 -21.78 -11.42
C PRO B 31 -11.78 -21.55 -12.07
N GLU B 32 -11.93 -21.86 -13.35
CA GLU B 32 -13.23 -21.67 -13.99
C GLU B 32 -14.30 -22.60 -13.44
N ASP B 33 -13.90 -23.59 -12.65
CA ASP B 33 -14.81 -24.58 -12.08
C ASP B 33 -15.05 -24.33 -10.60
N ILE B 34 -14.73 -23.12 -10.13
CA ILE B 34 -14.99 -22.68 -8.77
C ILE B 34 -15.91 -21.47 -8.84
N VAL B 35 -16.96 -21.48 -8.03
CA VAL B 35 -17.88 -20.35 -7.91
C VAL B 35 -17.53 -19.61 -6.63
N LYS B 36 -17.10 -18.36 -6.76
CA LYS B 36 -16.49 -17.61 -5.67
C LYS B 36 -17.38 -16.42 -5.32
N LEU B 37 -18.06 -16.53 -4.17
CA LEU B 37 -19.06 -15.58 -3.73
C LEU B 37 -18.80 -15.15 -2.29
N ASP B 38 -17.52 -14.95 -1.94
CA ASP B 38 -17.13 -14.70 -0.56
C ASP B 38 -16.40 -13.39 -0.32
N ALA B 39 -16.25 -12.53 -1.32
CA ALA B 39 -15.51 -11.29 -1.11
C ALA B 39 -16.16 -10.11 -1.81
N ASN B 40 -17.40 -10.27 -2.29
CA ASN B 40 -18.17 -9.20 -2.91
C ASN B 40 -17.48 -8.68 -4.18
N GLU B 41 -16.74 -9.57 -4.83
CA GLU B 41 -16.10 -9.26 -6.10
C GLU B 41 -17.12 -9.24 -7.22
N ASN B 42 -16.82 -8.46 -8.27
CA ASN B 42 -17.70 -8.34 -9.42
C ASN B 42 -17.32 -9.41 -10.44
N PRO B 43 -18.15 -10.44 -10.66
CA PRO B 43 -17.74 -11.55 -11.55
C PRO B 43 -17.65 -11.16 -13.01
N TYR B 44 -18.24 -10.04 -13.40
CA TYR B 44 -18.14 -9.57 -14.77
C TYR B 44 -16.79 -8.93 -15.06
N GLY B 45 -16.00 -8.62 -14.03
CA GLY B 45 -14.75 -7.95 -14.21
C GLY B 45 -14.91 -6.49 -14.60
N PRO B 46 -13.78 -5.82 -14.83
CA PRO B 46 -13.81 -4.40 -15.17
C PRO B 46 -14.11 -4.18 -16.64
N PRO B 47 -14.36 -2.93 -17.04
CA PRO B 47 -14.57 -2.65 -18.46
C PRO B 47 -13.36 -3.08 -19.28
N PRO B 48 -13.57 -3.39 -20.57
CA PRO B 48 -12.45 -3.91 -21.38
C PRO B 48 -11.30 -2.92 -21.52
N GLU B 49 -11.55 -1.63 -21.34
CA GLU B 49 -10.49 -0.63 -21.42
C GLU B 49 -9.38 -0.90 -20.42
N VAL B 50 -9.71 -1.58 -19.31
CA VAL B 50 -8.72 -1.79 -18.26
C VAL B 50 -7.62 -2.72 -18.73
N MET B 51 -7.97 -3.90 -19.23
CA MET B 51 -6.91 -4.81 -19.63
C MET B 51 -6.16 -4.28 -20.86
N GLU B 52 -6.83 -3.52 -21.74
CA GLU B 52 -6.11 -2.86 -22.82
C GLU B 52 -5.04 -1.92 -22.26
N ALA B 53 -5.41 -1.12 -21.26
CA ALA B 53 -4.48 -0.17 -20.67
C ALA B 53 -3.36 -0.88 -19.90
N LEU B 54 -3.72 -1.93 -19.15
CA LEU B 54 -2.72 -2.61 -18.35
C LEU B 54 -1.65 -3.28 -19.20
N GLY B 55 -2.02 -3.72 -20.40
CA GLY B 55 -1.06 -4.35 -21.29
C GLY B 55 -0.24 -3.39 -22.12
N SER B 56 -0.41 -2.09 -21.90
CA SER B 56 0.31 -1.08 -22.64
C SER B 56 0.88 0.00 -21.73
N ILE B 57 1.12 -0.33 -20.45
CA ILE B 57 1.71 0.63 -19.53
C ILE B 57 3.07 1.07 -20.08
N ARG B 58 3.22 2.37 -20.29
CA ARG B 58 4.44 2.89 -20.91
C ARG B 58 5.62 2.95 -19.95
N PHE B 59 5.38 3.25 -18.68
CA PHE B 59 6.45 3.54 -17.72
C PHE B 59 6.32 2.69 -16.47
N PRO B 60 6.34 1.36 -16.60
CA PRO B 60 6.29 0.51 -15.39
C PRO B 60 7.49 0.70 -14.48
N TYR B 61 8.58 1.23 -15.00
CA TYR B 61 9.84 1.38 -14.30
C TYR B 61 9.98 2.72 -13.61
N VAL B 62 8.95 3.57 -13.68
CA VAL B 62 8.97 4.91 -13.11
C VAL B 62 8.00 4.95 -11.94
N TYR B 63 8.40 5.63 -10.86
CA TYR B 63 7.53 5.74 -9.70
C TYR B 63 6.22 6.39 -10.10
N PRO B 64 5.12 6.02 -9.44
CA PRO B 64 3.83 6.62 -9.78
C PRO B 64 3.75 8.06 -9.29
N ASP B 65 2.73 8.74 -9.76
CA ASP B 65 2.45 10.09 -9.27
C ASP B 65 2.07 10.05 -7.80
N PRO B 66 2.86 10.66 -6.91
CA PRO B 66 2.49 10.63 -5.48
C PRO B 66 1.17 11.33 -5.19
N GLU B 67 0.72 12.22 -6.08
CA GLU B 67 -0.51 12.94 -5.87
C GLU B 67 -1.69 12.36 -6.65
N SER B 68 -1.48 11.31 -7.43
CA SER B 68 -2.54 10.66 -8.19
C SER B 68 -3.44 11.67 -8.89
N ARG B 69 -2.82 12.67 -9.54
CA ARG B 69 -3.61 13.84 -9.93
C ARG B 69 -4.51 13.58 -11.13
N ARG B 70 -4.11 12.70 -12.05
CA ARG B 70 -4.98 12.35 -13.17
C ARG B 70 -6.26 11.67 -12.69
N LEU B 71 -6.12 10.67 -11.83
CA LEU B 71 -7.30 10.00 -11.30
C LEU B 71 -8.15 10.97 -10.47
N ARG B 72 -7.51 11.85 -9.69
CA ARG B 72 -8.31 12.75 -8.85
C ARG B 72 -9.09 13.75 -9.70
N ALA B 73 -8.53 14.17 -10.84
CA ALA B 73 -9.32 14.98 -11.76
C ALA B 73 -10.51 14.20 -12.28
N ALA B 74 -10.29 12.94 -12.65
CA ALA B 74 -11.40 12.10 -13.11
C ALA B 74 -12.41 11.87 -11.99
N LEU B 75 -11.94 11.77 -10.75
CA LEU B 75 -12.87 11.59 -9.64
C LEU B 75 -13.64 12.86 -9.33
N ALA B 76 -13.03 14.03 -9.55
CA ALA B 76 -13.76 15.27 -9.39
C ALA B 76 -14.88 15.37 -10.42
N GLN B 77 -14.62 14.91 -11.64
CA GLN B 77 -15.67 14.83 -12.64
C GLN B 77 -16.76 13.84 -12.22
N ASP B 78 -16.35 12.69 -11.71
CA ASP B 78 -17.31 11.65 -11.38
C ASP B 78 -18.18 12.05 -10.20
N SER B 79 -17.60 12.71 -9.20
CA SER B 79 -18.27 12.94 -7.94
C SER B 79 -18.91 14.32 -7.85
N GLY B 80 -18.44 15.30 -8.63
CA GLY B 80 -18.92 16.64 -8.46
C GLY B 80 -18.28 17.39 -7.32
N LEU B 81 -17.27 16.79 -6.69
CA LEU B 81 -16.49 17.39 -5.62
C LEU B 81 -15.12 17.79 -6.14
N GLU B 82 -14.68 18.99 -5.78
CA GLU B 82 -13.36 19.48 -6.19
C GLU B 82 -12.26 18.51 -5.76
N SER B 83 -11.22 18.42 -6.59
CA SER B 83 -10.15 17.46 -6.36
C SER B 83 -9.37 17.72 -5.09
N GLU B 84 -9.37 18.97 -4.60
CA GLU B 84 -8.68 19.30 -3.37
C GLU B 84 -9.19 18.49 -2.17
N TYR B 85 -10.41 17.96 -2.27
CA TYR B 85 -11.01 17.19 -1.18
C TYR B 85 -10.76 15.69 -1.29
N ILE B 86 -10.09 15.22 -2.34
CA ILE B 86 -10.08 13.80 -2.69
C ILE B 86 -8.69 13.22 -2.50
N LEU B 87 -8.63 12.12 -1.77
N LEU B 87 -8.62 12.14 -1.74
CA LEU B 87 -7.44 11.32 -1.62
CA LEU B 87 -7.42 11.32 -1.63
C LEU B 87 -7.66 9.96 -2.28
C LEU B 87 -7.67 9.98 -2.31
N VAL B 88 -6.60 9.42 -2.88
CA VAL B 88 -6.63 8.09 -3.46
C VAL B 88 -5.77 7.17 -2.58
N GLY B 89 -6.26 5.94 -2.39
CA GLY B 89 -5.56 4.99 -1.56
C GLY B 89 -5.39 3.66 -2.25
N CYS B 90 -4.47 2.86 -1.70
CA CYS B 90 -4.26 1.46 -2.07
C CYS B 90 -5.44 0.66 -1.52
N GLY B 91 -6.56 0.75 -2.24
CA GLY B 91 -7.85 0.34 -1.74
C GLY B 91 -8.38 1.34 -0.73
N ALA B 92 -9.69 1.26 -0.49
CA ALA B 92 -10.24 1.98 0.67
C ALA B 92 -9.55 1.51 1.95
N ASP B 93 -9.03 0.27 1.97
CA ASP B 93 -8.32 -0.22 3.16
C ASP B 93 -7.21 0.73 3.59
N GLU B 94 -6.44 1.27 2.63
CA GLU B 94 -5.33 2.14 3.03
C GLU B 94 -5.86 3.39 3.72
N LEU B 95 -6.99 3.92 3.24
CA LEU B 95 -7.53 5.15 3.79
C LEU B 95 -8.11 4.93 5.19
N ILE B 96 -8.73 3.78 5.42
CA ILE B 96 -9.22 3.46 6.76
C ILE B 96 -8.06 3.47 7.74
N ASP B 97 -6.99 2.77 7.37
CA ASP B 97 -5.82 2.69 8.23
C ASP B 97 -5.14 4.05 8.35
N LEU B 98 -5.02 4.79 7.25
CA LEU B 98 -4.40 6.11 7.31
C LEU B 98 -5.14 7.04 8.27
N ILE B 99 -6.48 7.04 8.21
CA ILE B 99 -7.25 7.89 9.11
C ILE B 99 -6.93 7.53 10.55
N MET B 100 -6.94 6.24 10.87
CA MET B 100 -6.68 5.84 12.24
C MET B 100 -5.25 6.22 12.66
N ARG B 101 -4.27 5.98 11.79
CA ARG B 101 -2.90 6.34 12.11
C ARG B 101 -2.75 7.83 12.39
N CYS B 102 -3.55 8.66 11.73
CA CYS B 102 -3.37 10.10 11.84
C CYS B 102 -4.23 10.72 12.93
N VAL B 103 -5.19 9.99 13.49
CA VAL B 103 -6.13 10.56 14.44
C VAL B 103 -6.02 9.93 15.82
N LEU B 104 -5.61 8.67 15.89
CA LEU B 104 -5.67 7.92 17.15
C LEU B 104 -4.28 7.73 17.75
N ASP B 105 -4.04 8.38 18.89
CA ASP B 105 -2.90 8.02 19.71
C ASP B 105 -3.21 6.68 20.40
N PRO B 106 -2.19 5.90 20.73
CA PRO B 106 -2.44 4.69 21.53
C PRO B 106 -3.30 5.03 22.74
N GLY B 107 -4.34 4.24 22.97
CA GLY B 107 -5.24 4.46 24.07
C GLY B 107 -6.45 5.31 23.75
N ASP B 108 -6.43 6.04 22.64
CA ASP B 108 -7.62 6.74 22.22
C ASP B 108 -8.70 5.74 21.86
N LYS B 109 -9.95 6.20 21.89
CA LYS B 109 -11.10 5.34 21.70
C LYS B 109 -11.77 5.59 20.36
N ILE B 110 -12.35 4.54 19.82
CA ILE B 110 -13.07 4.55 18.55
C ILE B 110 -14.35 3.74 18.75
N VAL B 111 -15.44 4.22 18.17
CA VAL B 111 -16.72 3.53 18.25
C VAL B 111 -16.91 2.65 17.02
N ASP B 112 -17.35 1.43 17.24
CA ASP B 112 -17.69 0.50 16.16
C ASP B 112 -19.10 -0.01 16.43
N CYS B 113 -19.84 -0.29 15.36
CA CYS B 113 -21.24 -0.71 15.45
C CYS B 113 -21.44 -2.06 14.78
N PRO B 114 -21.10 -3.15 15.44
CA PRO B 114 -21.25 -4.47 14.86
C PRO B 114 -22.71 -4.89 14.81
N PRO B 115 -23.07 -5.86 13.97
CA PRO B 115 -22.17 -6.54 13.02
C PRO B 115 -21.75 -5.62 11.86
N THR B 116 -20.46 -5.52 11.57
CA THR B 116 -20.02 -4.66 10.47
C THR B 116 -18.68 -5.16 9.94
N PHE B 117 -18.04 -4.32 9.14
CA PHE B 117 -16.77 -4.66 8.48
C PHE B 117 -15.67 -4.86 9.49
N THR B 118 -15.04 -6.04 9.45
CA THR B 118 -14.08 -6.43 10.48
C THR B 118 -12.77 -5.66 10.41
N MET B 119 -12.49 -4.95 9.31
CA MET B 119 -11.23 -4.23 9.26
C MET B 119 -11.20 -3.04 10.22
N TYR B 120 -12.35 -2.49 10.61
CA TYR B 120 -12.34 -1.38 11.57
C TYR B 120 -11.76 -1.84 12.90
N GLU B 121 -12.27 -2.96 13.42
CA GLU B 121 -11.75 -3.45 14.70
C GLU B 121 -10.30 -3.93 14.56
N PHE B 122 -9.98 -4.60 13.45
CA PHE B 122 -8.60 -5.01 13.20
C PHE B 122 -7.67 -3.80 13.17
N ASP B 123 -7.99 -2.80 12.36
CA ASP B 123 -7.10 -1.64 12.25
C ASP B 123 -6.97 -0.92 13.60
N ALA B 124 -8.06 -0.83 14.36
CA ALA B 124 -7.99 -0.18 15.67
C ALA B 124 -7.01 -0.94 16.57
N ALA B 125 -7.07 -2.26 16.55
CA ALA B 125 -6.16 -3.07 17.35
C ALA B 125 -4.72 -2.89 16.91
N VAL B 126 -4.47 -2.93 15.59
CA VAL B 126 -3.12 -2.74 15.08
C VAL B 126 -2.56 -1.38 15.52
N ASN B 127 -3.40 -0.36 15.52
CA ASN B 127 -2.95 0.99 15.85
C ASN B 127 -2.97 1.26 17.35
N GLY B 128 -3.38 0.30 18.18
CA GLY B 128 -3.34 0.52 19.61
C GLY B 128 -4.49 1.33 20.16
N ALA B 129 -5.56 1.48 19.40
CA ALA B 129 -6.73 2.17 19.90
C ALA B 129 -7.64 1.18 20.62
N LEU B 130 -8.59 1.74 21.38
CA LEU B 130 -9.54 0.96 22.19
C LEU B 130 -10.93 1.09 21.57
N VAL B 131 -11.55 -0.05 21.26
CA VAL B 131 -12.83 -0.04 20.56
C VAL B 131 -13.98 -0.04 21.57
N ILE B 132 -14.96 0.82 21.34
CA ILE B 132 -16.22 0.82 22.06
C ILE B 132 -17.27 0.26 21.12
N LYS B 133 -17.76 -0.95 21.39
CA LYS B 133 -18.78 -1.55 20.54
C LYS B 133 -20.16 -1.08 21.00
N VAL B 134 -20.90 -0.47 20.08
CA VAL B 134 -22.31 -0.15 20.25
C VAL B 134 -23.10 -0.96 19.24
N PRO B 135 -23.64 -2.10 19.64
CA PRO B 135 -24.24 -3.02 18.67
C PRO B 135 -25.41 -2.40 17.93
N ARG B 136 -25.55 -2.79 16.68
CA ARG B 136 -26.73 -2.43 15.89
C ARG B 136 -27.96 -3.15 16.43
N ARG B 137 -29.12 -2.66 16.04
N ARG B 137 -29.12 -2.66 16.02
CA ARG B 137 -30.40 -3.22 16.48
CA ARG B 137 -30.40 -3.20 16.46
C ARG B 137 -30.73 -4.46 15.67
C ARG B 137 -30.72 -4.47 15.68
N PRO B 138 -31.77 -5.20 16.09
CA PRO B 138 -32.09 -6.45 15.38
C PRO B 138 -32.31 -6.29 13.88
N ASP B 139 -32.74 -5.11 13.43
CA ASP B 139 -32.88 -4.86 12.01
C ASP B 139 -31.60 -4.29 11.39
N PHE B 140 -30.49 -4.32 12.14
CA PHE B 140 -29.16 -3.86 11.76
C PHE B 140 -29.04 -2.34 11.73
N SER B 141 -30.07 -1.61 12.18
CA SER B 141 -29.99 -0.16 12.22
C SER B 141 -29.16 0.29 13.42
N LEU B 142 -28.60 1.50 13.30
CA LEU B 142 -27.77 2.05 14.36
C LEU B 142 -28.60 2.36 15.59
N ASN B 143 -27.99 2.18 16.77
CA ASN B 143 -28.57 2.61 18.03
C ASN B 143 -28.00 3.98 18.35
N VAL B 144 -28.64 5.02 17.81
CA VAL B 144 -28.10 6.38 17.91
C VAL B 144 -28.10 6.85 19.36
N GLU B 145 -29.14 6.50 20.13
CA GLU B 145 -29.19 6.93 21.52
C GLU B 145 -27.98 6.42 22.29
N GLN B 146 -27.60 5.16 22.08
CA GLN B 146 -26.45 4.64 22.81
C GLN B 146 -25.13 5.19 22.27
N ILE B 147 -25.06 5.46 20.97
CA ILE B 147 -23.87 6.12 20.42
C ILE B 147 -23.65 7.46 21.11
N ILE B 148 -24.71 8.26 21.22
CA ILE B 148 -24.60 9.56 21.86
C ILE B 148 -24.10 9.42 23.30
N GLU B 149 -24.61 8.41 24.00
CA GLU B 149 -24.25 8.24 25.41
C GLU B 149 -22.77 7.88 25.57
N VAL B 150 -22.28 6.91 24.79
CA VAL B 150 -20.89 6.53 24.99
C VAL B 150 -19.98 7.66 24.52
N VAL B 151 -20.41 8.43 23.51
CA VAL B 151 -19.58 9.55 23.06
C VAL B 151 -19.46 10.58 24.17
N LYS B 152 -20.57 10.90 24.85
CA LYS B 152 -20.52 11.82 25.98
C LYS B 152 -19.64 11.27 27.09
N GLN B 153 -19.77 9.98 27.39
CA GLN B 153 -19.11 9.45 28.58
C GLN B 153 -17.62 9.21 28.37
N GLU B 154 -17.21 8.73 27.19
CA GLU B 154 -15.84 8.28 26.98
C GLU B 154 -15.06 9.09 25.95
N LYS B 155 -15.69 10.06 25.29
CA LYS B 155 -15.01 10.99 24.39
C LYS B 155 -14.13 10.28 23.36
N PRO B 156 -14.69 9.32 22.63
CA PRO B 156 -13.93 8.70 21.53
C PRO B 156 -13.63 9.73 20.44
N LYS B 157 -12.56 9.48 19.70
CA LYS B 157 -12.17 10.43 18.67
C LYS B 157 -12.83 10.18 17.32
N CYS B 158 -13.26 8.96 17.03
CA CYS B 158 -13.83 8.71 15.72
CA CYS B 158 -13.72 8.61 15.69
C CYS B 158 -14.77 7.51 15.78
N ILE B 159 -15.59 7.43 14.73
CA ILE B 159 -16.56 6.36 14.54
C ILE B 159 -16.63 6.04 13.06
N PHE B 160 -16.57 4.77 12.70
CA PHE B 160 -16.75 4.35 11.32
C PHE B 160 -18.15 3.80 11.14
N LEU B 161 -18.80 4.20 10.05
CA LEU B 161 -20.18 3.81 9.77
C LEU B 161 -20.29 3.39 8.32
N THR B 162 -20.67 2.13 8.10
CA THR B 162 -20.79 1.58 6.75
C THR B 162 -22.22 1.70 6.25
N SER B 163 -22.38 2.18 5.01
CA SER B 163 -23.70 2.29 4.41
C SER B 163 -23.61 2.28 2.88
N PRO B 164 -24.14 1.27 2.18
CA PRO B 164 -24.79 0.04 2.71
C PRO B 164 -23.83 -0.73 3.60
N ASN B 165 -24.36 -1.26 4.70
CA ASN B 165 -23.50 -1.94 5.66
C ASN B 165 -23.01 -3.27 5.08
N ASN B 166 -21.80 -3.63 5.48
CA ASN B 166 -21.27 -4.97 5.34
C ASN B 166 -21.32 -5.59 6.72
N PRO B 167 -22.05 -6.69 6.98
CA PRO B 167 -22.47 -7.68 5.99
C PRO B 167 -23.94 -7.80 5.60
N ASP B 168 -24.81 -6.92 6.04
CA ASP B 168 -26.23 -7.11 5.80
C ASP B 168 -26.80 -6.24 4.67
N GLY B 169 -26.16 -5.10 4.37
CA GLY B 169 -26.57 -4.28 3.25
C GLY B 169 -27.56 -3.18 3.55
N SER B 170 -27.88 -2.93 4.82
CA SER B 170 -28.83 -1.87 5.15
C SER B 170 -28.15 -0.50 5.06
N ILE B 171 -28.98 0.53 4.90
CA ILE B 171 -28.48 1.88 4.71
C ILE B 171 -28.79 2.72 5.94
N ILE B 172 -27.93 3.69 6.20
CA ILE B 172 -28.09 4.62 7.31
C ILE B 172 -28.91 5.81 6.83
N ASP B 173 -29.97 6.13 7.56
CA ASP B 173 -30.83 7.25 7.20
CA ASP B 173 -30.81 7.24 7.16
C ASP B 173 -30.13 8.57 7.49
N ASP B 174 -30.42 9.58 6.67
CA ASP B 174 -29.75 10.87 6.79
C ASP B 174 -29.85 11.45 8.19
N ASP B 175 -31.02 11.33 8.83
CA ASP B 175 -31.22 11.96 10.13
C ASP B 175 -30.32 11.34 11.20
N ASP B 176 -30.16 10.02 11.16
CA ASP B 176 -29.23 9.37 12.08
C ASP B 176 -27.80 9.88 11.86
N LEU B 177 -27.38 9.94 10.60
CA LEU B 177 -26.03 10.43 10.32
C LEU B 177 -25.87 11.87 10.80
N LEU B 178 -26.86 12.72 10.54
CA LEU B 178 -26.77 14.12 10.94
C LEU B 178 -26.73 14.24 12.47
N LYS B 179 -27.48 13.39 13.17
CA LYS B 179 -27.46 13.41 14.63
CA LYS B 179 -27.46 13.41 14.63
C LYS B 179 -26.07 13.06 15.16
N ILE B 180 -25.42 12.07 14.54
CA ILE B 180 -24.09 11.69 15.00
C ILE B 180 -23.07 12.77 14.64
N LEU B 181 -23.24 13.44 13.49
CA LEU B 181 -22.33 14.50 13.09
C LEU B 181 -22.40 15.71 14.01
N GLU B 182 -23.50 15.86 14.78
CA GLU B 182 -23.58 16.92 15.78
C GLU B 182 -22.63 16.69 16.95
N LEU B 183 -22.11 15.47 17.11
CA LEU B 183 -21.24 15.13 18.22
C LEU B 183 -19.81 15.54 17.89
N PRO B 184 -18.99 15.80 18.92
CA PRO B 184 -17.56 16.14 18.73
C PRO B 184 -16.71 14.91 18.45
N ILE B 185 -16.90 14.36 17.26
CA ILE B 185 -16.31 13.09 16.87
C ILE B 185 -16.12 13.13 15.36
N LEU B 186 -15.08 12.45 14.89
CA LEU B 186 -14.85 12.31 13.45
C LEU B 186 -15.64 11.11 12.94
N VAL B 187 -16.56 11.37 12.02
CA VAL B 187 -17.42 10.34 11.42
C VAL B 187 -16.85 9.97 10.07
N VAL B 188 -16.59 8.67 9.87
CA VAL B 188 -16.11 8.16 8.60
C VAL B 188 -17.22 7.29 8.02
N LEU B 189 -17.87 7.79 6.98
CA LEU B 189 -18.93 7.07 6.29
C LEU B 189 -18.31 6.27 5.15
N ASP B 190 -18.50 4.95 5.21
CA ASP B 190 -17.89 4.02 4.25
C ASP B 190 -18.94 3.62 3.22
N GLU B 191 -18.84 4.20 2.03
CA GLU B 191 -19.78 3.98 0.93
C GLU B 191 -19.26 2.95 -0.07
N ALA B 192 -18.56 1.93 0.42
CA ALA B 192 -17.95 0.94 -0.47
C ALA B 192 -18.95 0.32 -1.43
N TYR B 193 -20.21 0.16 -1.01
CA TYR B 193 -21.21 -0.53 -1.81
C TYR B 193 -22.31 0.39 -2.34
N ILE B 194 -22.10 1.70 -2.32
CA ILE B 194 -23.20 2.62 -2.58
C ILE B 194 -23.72 2.49 -4.01
N GLU B 195 -22.87 2.05 -4.94
CA GLU B 195 -23.30 2.01 -6.34
C GLU B 195 -24.42 0.99 -6.57
N PHE B 196 -24.56 -0.01 -5.70
CA PHE B 196 -25.61 -1.01 -5.84
C PHE B 196 -26.93 -0.56 -5.25
N SER B 197 -26.95 0.62 -4.62
CA SER B 197 -28.14 1.23 -4.06
C SER B 197 -28.64 2.33 -4.99
N THR B 198 -29.81 2.87 -4.66
CA THR B 198 -30.32 4.06 -5.31
C THR B 198 -30.07 5.33 -4.49
N ILE B 199 -29.20 5.24 -3.47
CA ILE B 199 -28.89 6.36 -2.60
C ILE B 199 -27.75 7.17 -3.21
N GLU B 200 -27.85 8.49 -3.13
CA GLU B 200 -26.78 9.36 -3.61
CA GLU B 200 -26.78 9.36 -3.60
C GLU B 200 -25.60 9.34 -2.65
N SER B 201 -24.40 9.42 -3.22
CA SER B 201 -23.19 9.53 -2.39
C SER B 201 -23.23 10.84 -1.60
N LYS B 202 -22.72 10.79 -0.38
CA LYS B 202 -22.64 11.97 0.48
C LYS B 202 -21.27 12.62 0.42
N MET B 203 -20.44 12.31 -0.58
CA MET B 203 -19.14 12.94 -0.70
C MET B 203 -19.23 14.46 -0.58
N SER B 204 -20.26 15.06 -1.19
CA SER B 204 -20.40 16.51 -1.14
C SER B 204 -20.59 17.03 0.29
N TRP B 205 -21.09 16.20 1.19
CA TRP B 205 -21.34 16.66 2.55
C TRP B 205 -20.07 17.10 3.26
N VAL B 206 -18.88 16.67 2.80
CA VAL B 206 -17.67 17.03 3.53
C VAL B 206 -17.40 18.52 3.43
N LYS B 207 -17.99 19.21 2.46
CA LYS B 207 -17.82 20.65 2.41
C LYS B 207 -18.59 21.37 3.51
N LYS B 208 -19.63 20.75 4.08
CA LYS B 208 -20.45 21.36 5.11
C LYS B 208 -20.20 20.77 6.50
N HIS B 209 -19.45 19.69 6.61
CA HIS B 209 -19.18 19.01 7.88
C HIS B 209 -17.69 18.70 7.97
N ASP B 210 -16.96 19.46 8.78
CA ASP B 210 -15.51 19.21 8.83
C ASP B 210 -15.17 18.04 9.74
N ASN B 211 -16.17 17.32 10.25
CA ASN B 211 -15.97 16.08 10.98
C ASN B 211 -16.57 14.89 10.23
N LEU B 212 -16.65 14.99 8.90
CA LEU B 212 -17.13 13.90 8.04
C LEU B 212 -16.08 13.56 6.99
N ILE B 213 -15.82 12.26 6.83
CA ILE B 213 -15.05 11.70 5.73
C ILE B 213 -15.95 10.68 5.03
N VAL B 214 -15.86 10.57 3.71
CA VAL B 214 -16.64 9.59 2.95
C VAL B 214 -15.69 8.77 2.09
N LEU B 215 -15.75 7.45 2.25
CA LEU B 215 -14.84 6.54 1.56
C LEU B 215 -15.57 5.76 0.47
N ARG B 216 -14.83 5.50 -0.61
CA ARG B 216 -15.33 4.82 -1.78
C ARG B 216 -14.26 3.87 -2.28
N THR B 217 -14.63 2.99 -3.21
CA THR B 217 -13.64 2.08 -3.78
C THR B 217 -13.99 1.73 -5.24
N PHE B 218 -12.95 1.26 -5.95
CA PHE B 218 -13.10 0.63 -7.25
C PHE B 218 -13.16 -0.90 -7.15
N SER B 219 -13.05 -1.46 -5.96
CA SER B 219 -12.87 -2.90 -5.86
C SER B 219 -14.12 -3.72 -6.19
N LYS B 220 -15.32 -3.14 -6.07
CA LYS B 220 -16.52 -3.94 -6.09
C LYS B 220 -17.23 -3.68 -7.42
N ARG B 221 -18.05 -2.64 -7.53
CA ARG B 221 -18.76 -2.40 -8.78
C ARG B 221 -17.81 -2.34 -9.98
N ALA B 222 -16.67 -1.66 -9.83
CA ALA B 222 -15.78 -1.43 -10.96
C ALA B 222 -14.84 -2.59 -11.26
N GLY B 223 -14.85 -3.65 -10.46
CA GLY B 223 -14.10 -4.84 -10.81
C GLY B 223 -12.59 -4.74 -10.70
N LEU B 224 -12.08 -3.95 -9.77
CA LEU B 224 -10.64 -3.73 -9.67
C LEU B 224 -10.07 -4.18 -8.32
N ALA B 225 -10.75 -5.09 -7.63
CA ALA B 225 -10.31 -5.49 -6.29
C ALA B 225 -8.84 -5.89 -6.27
N GLY B 226 -8.36 -6.53 -7.33
CA GLY B 226 -6.99 -7.01 -7.37
C GLY B 226 -5.95 -5.92 -7.58
N LEU B 227 -6.35 -4.75 -8.08
CA LEU B 227 -5.40 -3.69 -8.41
C LEU B 227 -5.22 -2.68 -7.28
N ARG B 228 -6.11 -2.69 -6.29
CA ARG B 228 -5.98 -1.93 -5.04
C ARG B 228 -6.06 -0.43 -5.29
N VAL B 229 -7.27 0.08 -5.52
CA VAL B 229 -7.45 1.49 -5.71
C VAL B 229 -8.79 1.92 -5.16
N GLY B 230 -8.75 2.82 -4.17
CA GLY B 230 -9.94 3.40 -3.59
C GLY B 230 -9.72 4.89 -3.38
N TYR B 231 -10.72 5.55 -2.81
CA TYR B 231 -10.63 7.00 -2.68
C TYR B 231 -11.60 7.49 -1.63
N GLY B 232 -11.48 8.77 -1.30
CA GLY B 232 -12.37 9.35 -0.31
C GLY B 232 -12.42 10.85 -0.40
N ALA B 233 -13.47 11.40 0.21
CA ALA B 233 -13.67 12.83 0.34
C ALA B 233 -13.34 13.24 1.77
N PHE B 234 -12.52 14.30 1.91
CA PHE B 234 -11.97 14.73 3.19
C PHE B 234 -12.12 16.23 3.35
N PRO B 235 -12.50 16.71 4.54
CA PRO B 235 -12.44 18.15 4.79
C PRO B 235 -11.04 18.69 4.56
N LEU B 236 -10.96 19.93 4.08
CA LEU B 236 -9.65 20.50 3.75
C LEU B 236 -8.76 20.58 4.99
N SER B 237 -9.34 20.82 6.16
CA SER B 237 -8.56 20.93 7.38
C SER B 237 -7.95 19.60 7.81
N ILE B 238 -8.51 18.49 7.34
CA ILE B 238 -7.95 17.18 7.62
C ILE B 238 -7.01 16.73 6.52
N ILE B 239 -7.41 16.93 5.27
CA ILE B 239 -6.63 16.37 4.17
C ILE B 239 -5.24 16.99 4.12
N LYS B 240 -5.09 18.25 4.55
CA LYS B 240 -3.77 18.86 4.49
C LYS B 240 -2.77 18.10 5.34
N TYR B 241 -3.22 17.54 6.46
CA TYR B 241 -2.31 16.76 7.30
C TYR B 241 -2.14 15.35 6.77
N LEU B 242 -3.19 14.75 6.21
CA LEU B 242 -3.06 13.41 5.66
C LEU B 242 -2.09 13.40 4.49
N TRP B 243 -2.09 14.44 3.66
CA TRP B 243 -1.13 14.51 2.58
C TRP B 243 0.30 14.41 3.11
N ARG B 244 0.58 15.07 4.24
CA ARG B 244 1.95 15.09 4.74
C ARG B 244 2.36 13.75 5.32
N ALA B 245 1.42 13.01 5.91
CA ALA B 245 1.72 11.77 6.61
C ALA B 245 1.62 10.54 5.72
N LYS B 246 0.94 10.65 4.58
CA LYS B 246 0.68 9.51 3.71
C LYS B 246 1.98 8.98 3.07
N GLN B 247 2.03 7.68 2.85
CA GLN B 247 3.15 7.13 2.12
C GLN B 247 3.14 7.68 0.69
N PRO B 248 4.31 7.94 0.10
CA PRO B 248 4.30 8.64 -1.19
C PRO B 248 3.75 7.81 -2.35
N TYR B 249 4.03 6.49 -2.39
CA TYR B 249 3.83 5.74 -3.62
C TYR B 249 3.04 4.43 -3.43
N ASN B 250 2.12 4.36 -2.47
CA ASN B 250 1.36 3.11 -2.34
C ASN B 250 0.37 2.91 -3.49
N VAL B 251 -0.08 3.96 -4.17
CA VAL B 251 -0.99 3.80 -5.31
C VAL B 251 -0.15 3.55 -6.56
N SER B 252 -0.22 2.33 -7.07
CA SER B 252 0.69 1.95 -8.15
C SER B 252 0.25 2.56 -9.47
N VAL B 253 1.16 2.53 -10.46
CA VAL B 253 0.80 3.01 -11.79
CA VAL B 253 0.80 3.00 -11.80
C VAL B 253 -0.34 2.16 -12.37
N ALA B 254 -0.32 0.86 -12.10
CA ALA B 254 -1.39 0.00 -12.60
C ALA B 254 -2.72 0.34 -11.94
N ALA B 255 -2.70 0.68 -10.66
CA ALA B 255 -3.93 1.09 -9.98
C ALA B 255 -4.48 2.38 -10.58
N GLU B 256 -3.62 3.38 -10.76
CA GLU B 256 -4.11 4.65 -11.30
C GLU B 256 -4.61 4.48 -12.72
N ILE B 257 -3.85 3.77 -13.56
CA ILE B 257 -4.25 3.58 -14.95
C ILE B 257 -5.56 2.81 -15.05
N SER B 258 -5.71 1.76 -14.24
CA SER B 258 -6.90 0.93 -14.34
CA SER B 258 -6.90 0.92 -14.36
C SER B 258 -8.15 1.69 -13.94
N ALA B 259 -8.04 2.50 -12.87
CA ALA B 259 -9.20 3.25 -12.41
C ALA B 259 -9.61 4.30 -13.43
N CYS B 260 -8.64 5.02 -13.99
CA CYS B 260 -8.95 5.98 -15.04
C CYS B 260 -9.60 5.30 -16.23
N ALA B 261 -9.07 4.13 -16.63
CA ALA B 261 -9.65 3.44 -17.78
C ALA B 261 -11.07 2.98 -17.48
N ALA B 262 -11.30 2.45 -16.27
CA ALA B 262 -12.64 2.01 -15.91
C ALA B 262 -13.65 3.16 -16.04
N LEU B 263 -13.28 4.35 -15.58
CA LEU B 263 -14.18 5.49 -15.64
C LEU B 263 -14.50 5.89 -17.08
N GLN B 264 -13.70 5.47 -18.06
CA GLN B 264 -13.97 5.80 -19.45
C GLN B 264 -15.11 5.00 -20.05
N ASN B 265 -15.66 4.02 -19.33
CA ASN B 265 -16.74 3.17 -19.83
C ASN B 265 -17.91 3.20 -18.85
N PRO B 266 -18.56 4.35 -18.71
CA PRO B 266 -19.72 4.44 -17.81
C PRO B 266 -20.85 3.50 -18.18
N THR B 267 -21.03 3.20 -19.46
CA THR B 267 -22.09 2.28 -19.86
C THR B 267 -21.81 0.87 -19.35
N TYR B 268 -20.58 0.40 -19.47
CA TYR B 268 -20.24 -0.90 -18.92
C TYR B 268 -20.47 -0.93 -17.42
N LEU B 269 -20.04 0.11 -16.71
CA LEU B 269 -20.17 0.13 -15.26
C LEU B 269 -21.64 0.11 -14.85
N GLU B 270 -22.50 0.84 -15.56
CA GLU B 270 -23.91 0.85 -15.22
C GLU B 270 -24.57 -0.50 -15.54
N ASN B 271 -24.18 -1.11 -16.65
CA ASN B 271 -24.81 -2.36 -17.07
C ASN B 271 -24.48 -3.50 -16.13
N VAL B 272 -23.22 -3.61 -15.69
CA VAL B 272 -22.89 -4.69 -14.79
C VAL B 272 -23.55 -4.45 -13.43
N LYS B 273 -23.60 -3.20 -12.98
CA LYS B 273 -24.29 -2.87 -11.74
C LYS B 273 -25.76 -3.29 -11.82
N ASP B 274 -26.41 -2.96 -12.93
CA ASP B 274 -27.82 -3.33 -13.09
C ASP B 274 -28.00 -4.85 -13.11
N ALA B 275 -27.07 -5.57 -13.73
CA ALA B 275 -27.18 -7.03 -13.75
C ALA B 275 -27.06 -7.60 -12.34
N LEU B 276 -26.15 -7.05 -11.54
CA LEU B 276 -25.96 -7.54 -10.18
C LEU B 276 -27.14 -7.19 -9.31
N VAL B 277 -27.73 -6.01 -9.49
CA VAL B 277 -28.90 -5.64 -8.71
C VAL B 277 -30.07 -6.57 -9.04
N LYS B 278 -30.24 -6.90 -10.32
CA LYS B 278 -31.30 -7.81 -10.75
C LYS B 278 -31.13 -9.18 -10.10
N GLU B 279 -29.91 -9.71 -10.15
CA GLU B 279 -29.65 -11.03 -9.58
C GLU B 279 -29.78 -11.01 -8.06
N ARG B 280 -29.52 -9.87 -7.42
CA ARG B 280 -29.67 -9.79 -5.96
C ARG B 280 -31.08 -10.19 -5.54
N GLY B 281 -32.09 -9.72 -6.27
CA GLY B 281 -33.46 -10.06 -5.92
C GLY B 281 -33.77 -11.52 -6.16
N ARG B 282 -33.22 -12.09 -7.24
CA ARG B 282 -33.46 -13.50 -7.51
C ARG B 282 -32.78 -14.36 -6.47
N LEU B 283 -31.54 -14.04 -6.13
CA LEU B 283 -30.82 -14.78 -5.09
C LEU B 283 -31.55 -14.69 -3.76
N PHE B 284 -32.00 -13.49 -3.38
CA PHE B 284 -32.72 -13.35 -2.12
C PHE B 284 -33.90 -14.31 -2.04
N ASP B 285 -34.72 -14.35 -3.09
CA ASP B 285 -35.90 -15.21 -3.08
C ASP B 285 -35.51 -16.68 -2.98
N LEU B 286 -34.43 -17.08 -3.65
CA LEU B 286 -34.00 -18.47 -3.62
C LEU B 286 -33.47 -18.85 -2.24
N LEU B 287 -32.69 -17.97 -1.61
CA LEU B 287 -32.19 -18.26 -0.27
C LEU B 287 -33.32 -18.24 0.76
N LYS B 288 -34.33 -17.40 0.56
CA LYS B 288 -35.41 -17.32 1.52
C LYS B 288 -36.18 -18.64 1.59
N ALA B 289 -36.20 -19.40 0.49
CA ALA B 289 -36.90 -20.67 0.46
C ALA B 289 -36.13 -21.79 1.15
N VAL B 290 -34.85 -21.59 1.45
CA VAL B 290 -34.06 -22.61 2.14
C VAL B 290 -34.50 -22.65 3.60
N PRO B 291 -34.92 -23.81 4.12
CA PRO B 291 -35.52 -23.82 5.46
C PRO B 291 -34.60 -23.30 6.56
N PHE B 292 -33.30 -23.49 6.44
CA PHE B 292 -32.38 -23.15 7.53
C PHE B 292 -31.62 -21.84 7.27
N LEU B 293 -32.08 -21.03 6.33
CA LEU B 293 -31.46 -19.73 6.06
C LEU B 293 -32.50 -18.63 6.18
N LYS B 294 -32.15 -17.55 6.87
CA LYS B 294 -33.01 -16.37 6.98
C LYS B 294 -32.25 -15.20 6.36
N PRO B 295 -32.52 -14.87 5.10
CA PRO B 295 -31.83 -13.73 4.48
C PRO B 295 -32.43 -12.39 4.89
N PHE B 296 -31.57 -11.37 4.87
CA PHE B 296 -31.97 -10.01 5.18
C PHE B 296 -31.98 -9.15 3.93
N PRO B 297 -32.84 -8.13 3.90
CA PRO B 297 -32.87 -7.23 2.74
C PRO B 297 -31.58 -6.46 2.62
N SER B 298 -31.19 -6.15 1.38
CA SER B 298 -29.88 -5.60 1.13
C SER B 298 -29.91 -4.60 -0.01
N HIS B 299 -29.10 -3.55 0.14
CA HIS B 299 -28.85 -2.56 -0.90
C HIS B 299 -27.47 -2.70 -1.51
N SER B 300 -26.74 -3.78 -1.20
CA SER B 300 -25.37 -3.96 -1.66
C SER B 300 -25.32 -5.03 -2.76
N ASN B 301 -24.15 -5.64 -2.95
CA ASN B 301 -24.00 -6.79 -3.84
C ASN B 301 -23.78 -8.07 -3.04
N PHE B 302 -24.45 -8.19 -1.91
CA PHE B 302 -24.40 -9.42 -1.12
C PHE B 302 -25.66 -9.53 -0.28
N ILE B 303 -25.91 -10.75 0.19
CA ILE B 303 -27.06 -11.07 1.04
C ILE B 303 -26.56 -11.82 2.27
N LEU B 304 -26.92 -11.31 3.44
CA LEU B 304 -26.61 -11.97 4.70
C LEU B 304 -27.71 -12.96 5.05
N CYS B 305 -27.30 -14.15 5.51
CA CYS B 305 -28.24 -15.17 5.98
C CYS B 305 -27.89 -15.52 7.41
N GLU B 306 -28.87 -15.37 8.32
CA GLU B 306 -28.80 -16.03 9.60
C GLU B 306 -29.03 -17.53 9.39
N VAL B 307 -28.18 -18.35 9.99
CA VAL B 307 -28.26 -19.81 9.85
C VAL B 307 -29.04 -20.33 11.05
N THR B 308 -30.14 -21.00 10.79
CA THR B 308 -31.08 -21.38 11.83
C THR B 308 -31.20 -22.91 11.90
N SER B 309 -32.18 -23.36 12.68
CA SER B 309 -32.61 -24.76 12.68
C SER B 309 -31.51 -25.71 13.11
N GLY B 310 -30.62 -25.24 13.99
CA GLY B 310 -29.55 -26.06 14.50
C GLY B 310 -28.41 -26.32 13.55
N VAL B 311 -28.42 -25.68 12.38
CA VAL B 311 -27.37 -25.91 11.38
C VAL B 311 -26.12 -25.16 11.81
N ASP B 312 -24.97 -25.84 11.72
CA ASP B 312 -23.67 -25.27 12.03
C ASP B 312 -23.25 -24.33 10.92
N PRO B 313 -23.17 -23.02 11.15
CA PRO B 313 -22.86 -22.11 10.02
C PRO B 313 -21.45 -22.28 9.47
N LYS B 314 -20.48 -22.56 10.33
CA LYS B 314 -19.11 -22.77 9.86
C LYS B 314 -19.03 -24.03 9.00
N LYS B 315 -19.67 -25.11 9.44
CA LYS B 315 -19.67 -26.35 8.67
C LYS B 315 -20.42 -26.17 7.35
N LEU B 316 -21.50 -25.40 7.36
CA LEU B 316 -22.21 -25.10 6.11
C LEU B 316 -21.26 -24.45 5.11
N LYS B 317 -20.53 -23.43 5.55
CA LYS B 317 -19.58 -22.77 4.66
C LYS B 317 -18.49 -23.74 4.18
N GLU B 318 -17.97 -24.57 5.09
CA GLU B 318 -16.91 -25.49 4.69
C GLU B 318 -17.43 -26.58 3.77
N ASP B 319 -18.66 -27.04 4.00
CA ASP B 319 -19.25 -28.06 3.13
C ASP B 319 -19.42 -27.53 1.72
N LEU B 320 -19.90 -26.29 1.59
CA LEU B 320 -20.09 -25.71 0.27
C LEU B 320 -18.75 -25.52 -0.43
N ALA B 321 -17.72 -25.09 0.30
CA ALA B 321 -16.39 -24.97 -0.29
C ALA B 321 -15.92 -26.29 -0.86
N GLU B 322 -16.09 -27.39 -0.10
CA GLU B 322 -15.72 -28.71 -0.62
C GLU B 322 -16.42 -29.01 -1.94
N MET B 323 -17.62 -28.48 -2.12
CA MET B 323 -18.41 -28.71 -3.33
C MET B 323 -18.10 -27.69 -4.42
N GLY B 324 -17.19 -26.76 -4.17
CA GLY B 324 -16.75 -25.82 -5.19
C GLY B 324 -17.37 -24.44 -5.14
N VAL B 325 -18.04 -24.07 -4.04
CA VAL B 325 -18.70 -22.78 -3.93
C VAL B 325 -18.23 -22.10 -2.65
N MET B 326 -17.66 -20.90 -2.78
CA MET B 326 -17.11 -20.15 -1.67
C MET B 326 -18.11 -19.08 -1.24
N ILE B 327 -18.53 -19.12 0.03
CA ILE B 327 -19.27 -18.04 0.64
C ILE B 327 -18.51 -17.61 1.90
N ARG B 328 -18.94 -16.51 2.50
CA ARG B 328 -18.18 -15.89 3.59
C ARG B 328 -18.70 -16.33 4.94
N HIS B 329 -17.79 -16.79 5.79
CA HIS B 329 -18.07 -16.99 7.20
C HIS B 329 -16.92 -16.38 8.00
N TYR B 330 -17.27 -15.58 9.00
CA TYR B 330 -16.26 -14.92 9.84
C TYR B 330 -16.37 -15.46 11.25
N SER B 331 -15.24 -15.88 11.82
CA SER B 331 -15.20 -16.46 13.16
C SER B 331 -14.87 -15.36 14.17
N ASN B 332 -15.91 -14.62 14.56
CA ASN B 332 -15.87 -13.82 15.78
C ASN B 332 -17.28 -13.84 16.36
N LYS B 333 -17.42 -13.33 17.58
CA LYS B 333 -18.67 -13.52 18.29
C LYS B 333 -19.84 -12.83 17.59
N GLU B 334 -19.61 -11.69 16.95
CA GLU B 334 -20.71 -10.95 16.36
C GLU B 334 -21.18 -11.53 15.03
N LEU B 335 -20.32 -12.24 14.31
CA LEU B 335 -20.63 -12.67 12.95
C LEU B 335 -20.75 -14.17 12.75
N LYS B 336 -20.34 -14.99 13.72
CA LYS B 336 -20.21 -16.43 13.47
C LYS B 336 -21.55 -17.12 13.20
N GLY B 337 -22.67 -16.52 13.62
CA GLY B 337 -23.97 -17.10 13.35
C GLY B 337 -24.54 -16.86 11.97
N TYR B 338 -23.83 -16.15 11.11
CA TYR B 338 -24.30 -15.83 9.77
C TYR B 338 -23.38 -16.42 8.71
N VAL B 339 -23.88 -16.46 7.48
CA VAL B 339 -23.03 -16.60 6.30
C VAL B 339 -23.45 -15.48 5.35
N ARG B 340 -22.50 -15.00 4.56
CA ARG B 340 -22.74 -13.90 3.64
C ARG B 340 -22.45 -14.36 2.22
N VAL B 341 -23.44 -14.19 1.34
CA VAL B 341 -23.40 -14.70 -0.03
C VAL B 341 -23.30 -13.51 -0.97
N SER B 342 -22.19 -13.38 -1.68
CA SER B 342 -22.07 -12.33 -2.68
C SER B 342 -22.97 -12.63 -3.88
N VAL B 343 -23.38 -11.57 -4.57
CA VAL B 343 -24.19 -11.70 -5.77
C VAL B 343 -23.26 -11.87 -6.96
N GLY B 344 -23.45 -12.95 -7.72
CA GLY B 344 -22.65 -13.21 -8.90
C GLY B 344 -23.48 -13.23 -10.16
N LYS B 345 -22.99 -13.93 -11.17
CA LYS B 345 -23.80 -14.18 -12.36
C LYS B 345 -24.95 -15.13 -12.02
N PRO B 346 -26.01 -15.12 -12.82
CA PRO B 346 -27.11 -16.07 -12.55
C PRO B 346 -26.65 -17.51 -12.47
N GLU B 347 -25.69 -17.92 -13.31
CA GLU B 347 -25.22 -19.30 -13.25
C GLU B 347 -24.50 -19.59 -11.95
N HIS B 348 -23.90 -18.56 -11.33
CA HIS B 348 -23.24 -18.75 -10.04
C HIS B 348 -24.25 -19.04 -8.94
N THR B 349 -25.33 -18.25 -8.90
CA THR B 349 -26.45 -18.55 -8.01
C THR B 349 -26.97 -19.96 -8.23
N ASP B 350 -27.10 -20.36 -9.49
CA ASP B 350 -27.64 -21.70 -9.78
C ASP B 350 -26.74 -22.79 -9.22
N VAL B 351 -25.42 -22.65 -9.38
CA VAL B 351 -24.53 -23.64 -8.79
C VAL B 351 -24.66 -23.64 -7.26
N LEU B 352 -24.71 -22.45 -6.65
CA LEU B 352 -24.85 -22.38 -5.19
C LEU B 352 -26.08 -23.14 -4.74
N MET B 353 -27.23 -22.88 -5.39
CA MET B 353 -28.47 -23.52 -4.94
C MET B 353 -28.43 -25.02 -5.19
N ASN B 354 -27.79 -25.45 -6.27
CA ASN B 354 -27.60 -26.89 -6.50
C ASN B 354 -26.82 -27.52 -5.36
N CYS B 355 -25.73 -26.87 -4.94
CA CYS B 355 -24.93 -27.44 -3.85
C CYS B 355 -25.72 -27.45 -2.55
N ILE B 356 -26.45 -26.36 -2.26
CA ILE B 356 -27.29 -26.35 -1.06
C ILE B 356 -28.25 -27.53 -1.07
N SER B 357 -28.84 -27.84 -2.24
CA SER B 357 -29.83 -28.91 -2.31
C SER B 357 -29.24 -30.27 -2.01
N ARG B 358 -27.93 -30.44 -2.15
CA ARG B 358 -27.27 -31.72 -1.90
C ARG B 358 -26.58 -31.79 -0.54
N LEU B 359 -26.72 -30.77 0.30
CA LEU B 359 -26.02 -30.77 1.57
C LEU B 359 -26.42 -31.96 2.43
N SER B 360 -25.46 -32.41 3.25
CA SER B 360 -25.62 -33.52 4.19
C SER B 360 -25.80 -34.85 3.49
#